data_2LG3
# 
_entry.id   2LG3 
# 
_audit_conform.dict_name       mmcif_pdbx.dic 
_audit_conform.dict_version    5.392 
_audit_conform.dict_location   http://mmcif.pdb.org/dictionaries/ascii/mmcif_pdbx.dic 
# 
loop_
_database_2.database_id 
_database_2.database_code 
_database_2.pdbx_database_accession 
_database_2.pdbx_DOI 
PDB   2LG3         pdb_00002lg3 10.2210/pdb2lg3/pdb 
RCSB  RCSB102349   ?            ?                   
BMRB  17791        ?            10.13018/BMR17791   
WWPDB D_1000102349 ?            ?                   
# 
loop_
_pdbx_audit_revision_history.ordinal 
_pdbx_audit_revision_history.data_content_type 
_pdbx_audit_revision_history.major_revision 
_pdbx_audit_revision_history.minor_revision 
_pdbx_audit_revision_history.revision_date 
1 'Structure model' 1 0 2012-08-01 
2 'Structure model' 1 1 2023-06-14 
3 'Structure model' 1 2 2024-05-15 
# 
_pdbx_audit_revision_details.ordinal             1 
_pdbx_audit_revision_details.revision_ordinal    1 
_pdbx_audit_revision_details.data_content_type   'Structure model' 
_pdbx_audit_revision_details.provider            repository 
_pdbx_audit_revision_details.type                'Initial release' 
_pdbx_audit_revision_details.description         ? 
_pdbx_audit_revision_details.details             ? 
# 
loop_
_pdbx_audit_revision_group.ordinal 
_pdbx_audit_revision_group.revision_ordinal 
_pdbx_audit_revision_group.data_content_type 
_pdbx_audit_revision_group.group 
1 2 'Structure model' 'Data collection'      
2 2 'Structure model' 'Database references'  
3 2 'Structure model' 'Derived calculations' 
4 2 'Structure model' Other                  
5 3 'Structure model' 'Data collection'      
6 3 'Structure model' 'Database references'  
# 
loop_
_pdbx_audit_revision_category.ordinal 
_pdbx_audit_revision_category.revision_ordinal 
_pdbx_audit_revision_category.data_content_type 
_pdbx_audit_revision_category.category 
1 2 'Structure model' database_2            
2 2 'Structure model' pdbx_database_status  
3 2 'Structure model' pdbx_nmr_software     
4 2 'Structure model' pdbx_nmr_spectrometer 
5 2 'Structure model' struct_conn           
6 2 'Structure model' struct_site           
7 3 'Structure model' chem_comp_atom        
8 3 'Structure model' chem_comp_bond        
9 3 'Structure model' database_2            
# 
loop_
_pdbx_audit_revision_item.ordinal 
_pdbx_audit_revision_item.revision_ordinal 
_pdbx_audit_revision_item.data_content_type 
_pdbx_audit_revision_item.item 
1  2 'Structure model' '_database_2.pdbx_DOI'                       
2  2 'Structure model' '_database_2.pdbx_database_accession'        
3  2 'Structure model' '_pdbx_database_status.status_code_nmr_data' 
4  2 'Structure model' '_pdbx_nmr_software.name'                    
5  2 'Structure model' '_pdbx_nmr_spectrometer.model'               
6  2 'Structure model' '_struct_conn.pdbx_leaving_atom_flag'        
7  2 'Structure model' '_struct_site.pdbx_auth_asym_id'             
8  2 'Structure model' '_struct_site.pdbx_auth_comp_id'             
9  2 'Structure model' '_struct_site.pdbx_auth_seq_id'              
10 3 'Structure model' '_database_2.pdbx_DOI'                       
# 
_pdbx_database_status.deposit_site                    BMRB 
_pdbx_database_status.entry_id                        2LG3 
_pdbx_database_status.process_site                    RCSB 
_pdbx_database_status.recvd_initial_deposition_date   2011-07-19 
_pdbx_database_status.SG_entry                        ? 
_pdbx_database_status.status_code                     REL 
_pdbx_database_status.status_code_mr                  REL 
_pdbx_database_status.status_code_sf                  ? 
_pdbx_database_status.status_code_cs                  REL 
_pdbx_database_status.methods_development_category    ? 
_pdbx_database_status.pdb_format_compatible           Y 
_pdbx_database_status.status_code_nmr_data            REL 
# 
loop_
_pdbx_database_related.db_id 
_pdbx_database_related.db_name 
_pdbx_database_related.content_type 
_pdbx_database_related.details 
17791 BMRB unspecified . 
2LG2  PDB  unspecified . 
# 
loop_
_audit_author.name 
_audit_author.pdbx_ordinal 
'Huang, H.'    1 
'Wang, H.'     2 
'Kozekova, A.' 3 
'Lloyd, R.S.'  4 
'Rizzo, C.J.'  5 
'Stone, M.P.'  6 
# 
_citation.id                        primary 
_citation.title                     
;Ring-chain tautomerization of trans-4-hydroxynonenal derived (6S,8R,11S) gamma-hydroxy-1,N2-propano-deoxyguanosine adduct when placed opposite 2'-deoxythymidine in duplex
;
_citation.journal_abbrev            'To be Published' 
_citation.journal_volume            ? 
_citation.page_first                ? 
_citation.page_last                 ? 
_citation.year                      ? 
_citation.journal_id_ASTM           ? 
_citation.country                   ? 
_citation.journal_id_ISSN           ? 
_citation.journal_id_CSD            0353 
_citation.book_publisher            ? 
_citation.pdbx_database_id_PubMed   ? 
_citation.pdbx_database_id_DOI      ? 
# 
loop_
_citation_author.citation_id 
_citation_author.name 
_citation_author.ordinal 
_citation_author.identifier_ORCID 
primary 'Huang, H.'    1 ? 
primary 'Wang, H.'     2 ? 
primary 'Kozekova, A.' 3 ? 
primary 'Lloyd, R.S.'  4 ? 
primary 'Rizzo, C.J.'  5 ? 
primary 'Stone, M.P.'  6 ? 
# 
loop_
_entity.id 
_entity.type 
_entity.src_method 
_entity.pdbx_description 
_entity.formula_weight 
_entity.pdbx_number_of_molecules 
_entity.pdbx_ec 
_entity.pdbx_mutation 
_entity.pdbx_fragment 
_entity.details 
1 polymer     syn 
;DNA (5'-D(*GP*CP*TP*AP*GP*CP*GP*AP*GP*TP*CP*C)-3')
;
3663.392 1 ? ? ? ? 
2 polymer     syn 
;DNA (5'-D(*GP*GP*AP*CP*TP*TP*GP*CP*TP*AP*GP*C)-3')
;
3678.403 1 ? ? ? ? 
3 non-polymer syn '(4S)-nonane-1,4-diol'                               160.254  1 ? ? ? ? 
# 
loop_
_entity_poly.entity_id 
_entity_poly.type 
_entity_poly.nstd_linkage 
_entity_poly.nstd_monomer 
_entity_poly.pdbx_seq_one_letter_code 
_entity_poly.pdbx_seq_one_letter_code_can 
_entity_poly.pdbx_strand_id 
_entity_poly.pdbx_target_identifier 
1 polydeoxyribonucleotide no no '(DG)(DC)(DT)(DA)(DG)(DC)(DG)(DA)(DG)(DT)(DC)(DC)' GCTAGCGAGTCC A ? 
2 polydeoxyribonucleotide no no '(DG)(DG)(DA)(DC)(DT)(DT)(DG)(DC)(DT)(DA)(DG)(DC)' GGACTTGCTAGC B ? 
# 
_pdbx_entity_nonpoly.entity_id   3 
_pdbx_entity_nonpoly.name        '(4S)-nonane-1,4-diol' 
_pdbx_entity_nonpoly.comp_id     HND 
# 
loop_
_entity_poly_seq.entity_id 
_entity_poly_seq.num 
_entity_poly_seq.mon_id 
_entity_poly_seq.hetero 
1 1  DG n 
1 2  DC n 
1 3  DT n 
1 4  DA n 
1 5  DG n 
1 6  DC n 
1 7  DG n 
1 8  DA n 
1 9  DG n 
1 10 DT n 
1 11 DC n 
1 12 DC n 
2 1  DG n 
2 2  DG n 
2 3  DA n 
2 4  DC n 
2 5  DT n 
2 6  DT n 
2 7  DG n 
2 8  DC n 
2 9  DT n 
2 10 DA n 
2 11 DG n 
2 12 DC n 
# 
loop_
_chem_comp.id 
_chem_comp.type 
_chem_comp.mon_nstd_flag 
_chem_comp.name 
_chem_comp.pdbx_synonyms 
_chem_comp.formula 
_chem_comp.formula_weight 
DA  'DNA linking' y "2'-DEOXYADENOSINE-5'-MONOPHOSPHATE" ? 'C10 H14 N5 O6 P' 331.222 
DC  'DNA linking' y "2'-DEOXYCYTIDINE-5'-MONOPHOSPHATE"  ? 'C9 H14 N3 O7 P'  307.197 
DG  'DNA linking' y "2'-DEOXYGUANOSINE-5'-MONOPHOSPHATE" ? 'C10 H14 N5 O7 P' 347.221 
DT  'DNA linking' y "THYMIDINE-5'-MONOPHOSPHATE"         ? 'C10 H15 N2 O8 P' 322.208 
HND non-polymer   . '(4S)-nonane-1,4-diol'               ? 'C9 H20 O2'       160.254 
# 
loop_
_pdbx_poly_seq_scheme.asym_id 
_pdbx_poly_seq_scheme.entity_id 
_pdbx_poly_seq_scheme.seq_id 
_pdbx_poly_seq_scheme.mon_id 
_pdbx_poly_seq_scheme.ndb_seq_num 
_pdbx_poly_seq_scheme.pdb_seq_num 
_pdbx_poly_seq_scheme.auth_seq_num 
_pdbx_poly_seq_scheme.pdb_mon_id 
_pdbx_poly_seq_scheme.auth_mon_id 
_pdbx_poly_seq_scheme.pdb_strand_id 
_pdbx_poly_seq_scheme.pdb_ins_code 
_pdbx_poly_seq_scheme.hetero 
A 1 1  DG 1  1  1  DG DG A . n 
A 1 2  DC 2  2  2  DC DC A . n 
A 1 3  DT 3  3  3  DT DT A . n 
A 1 4  DA 4  4  4  DA DA A . n 
A 1 5  DG 5  5  5  DG DG A . n 
A 1 6  DC 6  6  6  DC DC A . n 
A 1 7  DG 7  7  7  DG DG A . n 
A 1 8  DA 8  8  8  DA DA A . n 
A 1 9  DG 9  9  9  DG DG A . n 
A 1 10 DT 10 10 10 DT DT A . n 
A 1 11 DC 11 11 11 DC DC A . n 
A 1 12 DC 12 12 12 DC DC A . n 
B 2 1  DG 1  13 13 DG DG B . n 
B 2 2  DG 2  14 14 DG DG B . n 
B 2 3  DA 3  15 15 DA DA B . n 
B 2 4  DC 4  16 16 DC DC B . n 
B 2 5  DT 5  17 17 DT DT B . n 
B 2 6  DT 6  18 18 DT DT B . n 
B 2 7  DG 7  19 19 DG DG B . n 
B 2 8  DC 8  20 20 DC DC B . n 
B 2 9  DT 9  21 21 DT DT B . n 
B 2 10 DA 10 22 22 DA DA B . n 
B 2 11 DG 11 23 23 DG DG B . n 
B 2 12 DC 12 24 24 DC DC B . n 
# 
_pdbx_nonpoly_scheme.asym_id         C 
_pdbx_nonpoly_scheme.entity_id       3 
_pdbx_nonpoly_scheme.mon_id          HND 
_pdbx_nonpoly_scheme.ndb_seq_num     1 
_pdbx_nonpoly_scheme.pdb_seq_num     25 
_pdbx_nonpoly_scheme.auth_seq_num    25 
_pdbx_nonpoly_scheme.pdb_mon_id      HND 
_pdbx_nonpoly_scheme.auth_mon_id     HNE 
_pdbx_nonpoly_scheme.pdb_strand_id   A 
_pdbx_nonpoly_scheme.pdb_ins_code    . 
# 
_exptl.absorpt_coefficient_mu     ? 
_exptl.absorpt_correction_T_max   ? 
_exptl.absorpt_correction_T_min   ? 
_exptl.absorpt_correction_type    ? 
_exptl.absorpt_process_details    ? 
_exptl.crystals_number            ? 
_exptl.details                    ? 
_exptl.entry_id                   2LG3 
_exptl.method                     'SOLUTION NMR' 
_exptl.method_details             ? 
# 
_struct.entry_id                  2LG3 
_struct.title                     'Structure of the duplex containing HNE derived (6S,8R,11S) gamma-HO-PdG when placed opposite dT' 
_struct.pdbx_model_details        'closest to the average, model 1' 
_struct.pdbx_CASP_flag            ? 
_struct.pdbx_model_type_details   ? 
# 
_struct_keywords.entry_id        2LG3 
_struct_keywords.pdbx_keywords   DNA 
_struct_keywords.text            'trans-4-hydroxynonenal, gamma-HO-PdG, DNA' 
# 
loop_
_struct_asym.id 
_struct_asym.pdbx_blank_PDB_chainid_flag 
_struct_asym.pdbx_modified 
_struct_asym.entity_id 
_struct_asym.details 
A N N 1 ? 
B N N 2 ? 
C N N 3 ? 
# 
loop_
_struct_ref.id 
_struct_ref.db_name 
_struct_ref.db_code 
_struct_ref.pdbx_db_accession 
_struct_ref.entity_id 
_struct_ref.pdbx_align_begin 
_struct_ref.pdbx_seq_one_letter_code 
_struct_ref.pdbx_db_isoform 
1 PDB 2LG3 2LG3 1 ? ? ? 
2 PDB 2LG3 2LG3 2 ? ? ? 
# 
loop_
_struct_ref_seq.align_id 
_struct_ref_seq.ref_id 
_struct_ref_seq.pdbx_PDB_id_code 
_struct_ref_seq.pdbx_strand_id 
_struct_ref_seq.seq_align_beg 
_struct_ref_seq.pdbx_seq_align_beg_ins_code 
_struct_ref_seq.seq_align_end 
_struct_ref_seq.pdbx_seq_align_end_ins_code 
_struct_ref_seq.pdbx_db_accession 
_struct_ref_seq.db_align_beg 
_struct_ref_seq.pdbx_db_align_beg_ins_code 
_struct_ref_seq.db_align_end 
_struct_ref_seq.pdbx_db_align_end_ins_code 
_struct_ref_seq.pdbx_auth_seq_align_beg 
_struct_ref_seq.pdbx_auth_seq_align_end 
1 1 2LG3 A 1 ? 12 ? 2LG3 1  ? 12 ? 1  12 
2 2 2LG3 B 1 ? 12 ? 2LG3 13 ? 24 ? 13 24 
# 
_pdbx_struct_assembly.id                   1 
_pdbx_struct_assembly.details              author_defined_assembly 
_pdbx_struct_assembly.method_details       ? 
_pdbx_struct_assembly.oligomeric_details   dimeric 
_pdbx_struct_assembly.oligomeric_count     2 
# 
_pdbx_struct_assembly_gen.assembly_id       1 
_pdbx_struct_assembly_gen.oper_expression   1 
_pdbx_struct_assembly_gen.asym_id_list      A,B,C 
# 
_pdbx_struct_oper_list.id                   1 
_pdbx_struct_oper_list.type                 'identity operation' 
_pdbx_struct_oper_list.name                 1_555 
_pdbx_struct_oper_list.symmetry_operation   x,y,z 
_pdbx_struct_oper_list.matrix[1][1]         1.0000000000 
_pdbx_struct_oper_list.matrix[1][2]         0.0000000000 
_pdbx_struct_oper_list.matrix[1][3]         0.0000000000 
_pdbx_struct_oper_list.vector[1]            0.0000000000 
_pdbx_struct_oper_list.matrix[2][1]         0.0000000000 
_pdbx_struct_oper_list.matrix[2][2]         1.0000000000 
_pdbx_struct_oper_list.matrix[2][3]         0.0000000000 
_pdbx_struct_oper_list.vector[2]            0.0000000000 
_pdbx_struct_oper_list.matrix[3][1]         0.0000000000 
_pdbx_struct_oper_list.matrix[3][2]         0.0000000000 
_pdbx_struct_oper_list.matrix[3][3]         1.0000000000 
_pdbx_struct_oper_list.vector[3]            0.0000000000 
# 
_struct_biol.id        1 
_struct_biol.details   ? 
# 
loop_
_struct_conn.id 
_struct_conn.conn_type_id 
_struct_conn.pdbx_leaving_atom_flag 
_struct_conn.pdbx_PDB_id 
_struct_conn.ptnr1_label_asym_id 
_struct_conn.ptnr1_label_comp_id 
_struct_conn.ptnr1_label_seq_id 
_struct_conn.ptnr1_label_atom_id 
_struct_conn.pdbx_ptnr1_label_alt_id 
_struct_conn.pdbx_ptnr1_PDB_ins_code 
_struct_conn.pdbx_ptnr1_standard_comp_id 
_struct_conn.ptnr1_symmetry 
_struct_conn.ptnr2_label_asym_id 
_struct_conn.ptnr2_label_comp_id 
_struct_conn.ptnr2_label_seq_id 
_struct_conn.ptnr2_label_atom_id 
_struct_conn.pdbx_ptnr2_label_alt_id 
_struct_conn.pdbx_ptnr2_PDB_ins_code 
_struct_conn.ptnr1_auth_asym_id 
_struct_conn.ptnr1_auth_comp_id 
_struct_conn.ptnr1_auth_seq_id 
_struct_conn.ptnr2_auth_asym_id 
_struct_conn.ptnr2_auth_comp_id 
_struct_conn.ptnr2_auth_seq_id 
_struct_conn.ptnr2_symmetry 
_struct_conn.pdbx_ptnr3_label_atom_id 
_struct_conn.pdbx_ptnr3_label_seq_id 
_struct_conn.pdbx_ptnr3_label_comp_id 
_struct_conn.pdbx_ptnr3_label_asym_id 
_struct_conn.pdbx_ptnr3_label_alt_id 
_struct_conn.pdbx_ptnr3_PDB_ins_code 
_struct_conn.details 
_struct_conn.pdbx_dist_value 
_struct_conn.pdbx_value_order 
_struct_conn.pdbx_role 
covale1  covale one ? A DG 7  N1 ? ? ? 1_555 C HND .  C1 ? ? A DG 7  A HND 25 1_555 ? ? ? ? ? ? ?            1.484 ? ? 
covale2  covale one ? A DG 7  N2 ? ? ? 1_555 C HND .  C3 ? ? A DG 7  A HND 25 1_555 ? ? ? ? ? ? ?            1.462 ? ? 
hydrog1  hydrog ?   ? A DG 1  N1 ? ? ? 1_555 B DC  12 N3 ? ? A DG 1  B DC  24 1_555 ? ? ? ? ? ? WATSON-CRICK ?     ? ? 
hydrog2  hydrog ?   ? A DG 1  N2 ? ? ? 1_555 B DC  12 O2 ? ? A DG 1  B DC  24 1_555 ? ? ? ? ? ? WATSON-CRICK ?     ? ? 
hydrog3  hydrog ?   ? A DG 1  O6 ? ? ? 1_555 B DC  12 N4 ? ? A DG 1  B DC  24 1_555 ? ? ? ? ? ? WATSON-CRICK ?     ? ? 
hydrog4  hydrog ?   ? A DC 2  N3 ? ? ? 1_555 B DG  11 N1 ? ? A DC 2  B DG  23 1_555 ? ? ? ? ? ? WATSON-CRICK ?     ? ? 
hydrog5  hydrog ?   ? A DC 2  N4 ? ? ? 1_555 B DG  11 O6 ? ? A DC 2  B DG  23 1_555 ? ? ? ? ? ? WATSON-CRICK ?     ? ? 
hydrog6  hydrog ?   ? A DC 2  O2 ? ? ? 1_555 B DG  11 N2 ? ? A DC 2  B DG  23 1_555 ? ? ? ? ? ? WATSON-CRICK ?     ? ? 
hydrog7  hydrog ?   ? A DT 3  N3 ? ? ? 1_555 B DA  10 N1 ? ? A DT 3  B DA  22 1_555 ? ? ? ? ? ? WATSON-CRICK ?     ? ? 
hydrog8  hydrog ?   ? A DT 3  O4 ? ? ? 1_555 B DA  10 N6 ? ? A DT 3  B DA  22 1_555 ? ? ? ? ? ? WATSON-CRICK ?     ? ? 
hydrog9  hydrog ?   ? A DA 4  N1 ? ? ? 1_555 B DT  9  N3 ? ? A DA 4  B DT  21 1_555 ? ? ? ? ? ? WATSON-CRICK ?     ? ? 
hydrog10 hydrog ?   ? A DA 4  N6 ? ? ? 1_555 B DT  9  O4 ? ? A DA 4  B DT  21 1_555 ? ? ? ? ? ? WATSON-CRICK ?     ? ? 
hydrog11 hydrog ?   ? A DG 5  N1 ? ? ? 1_555 B DC  8  N3 ? ? A DG 5  B DC  20 1_555 ? ? ? ? ? ? WATSON-CRICK ?     ? ? 
hydrog12 hydrog ?   ? A DG 5  N2 ? ? ? 1_555 B DC  8  O2 ? ? A DG 5  B DC  20 1_555 ? ? ? ? ? ? WATSON-CRICK ?     ? ? 
hydrog13 hydrog ?   ? A DG 5  O6 ? ? ? 1_555 B DC  8  N4 ? ? A DG 5  B DC  20 1_555 ? ? ? ? ? ? WATSON-CRICK ?     ? ? 
hydrog14 hydrog ?   ? A DC 6  N3 ? ? ? 1_555 B DG  7  N1 ? ? A DC 6  B DG  19 1_555 ? ? ? ? ? ? WATSON-CRICK ?     ? ? 
hydrog15 hydrog ?   ? A DC 6  N4 ? ? ? 1_555 B DG  7  O6 ? ? A DC 6  B DG  19 1_555 ? ? ? ? ? ? WATSON-CRICK ?     ? ? 
hydrog16 hydrog ?   ? A DC 6  O2 ? ? ? 1_555 B DG  7  N2 ? ? A DC 6  B DG  19 1_555 ? ? ? ? ? ? WATSON-CRICK ?     ? ? 
hydrog17 hydrog ?   ? A DA 8  N1 ? ? ? 1_555 B DT  5  N3 ? ? A DA 8  B DT  17 1_555 ? ? ? ? ? ? WATSON-CRICK ?     ? ? 
hydrog18 hydrog ?   ? A DA 8  N6 ? ? ? 1_555 B DT  5  O4 ? ? A DA 8  B DT  17 1_555 ? ? ? ? ? ? WATSON-CRICK ?     ? ? 
hydrog19 hydrog ?   ? A DG 9  N1 ? ? ? 1_555 B DC  4  N3 ? ? A DG 9  B DC  16 1_555 ? ? ? ? ? ? WATSON-CRICK ?     ? ? 
hydrog20 hydrog ?   ? A DG 9  N2 ? ? ? 1_555 B DC  4  O2 ? ? A DG 9  B DC  16 1_555 ? ? ? ? ? ? WATSON-CRICK ?     ? ? 
hydrog21 hydrog ?   ? A DG 9  O6 ? ? ? 1_555 B DC  4  N4 ? ? A DG 9  B DC  16 1_555 ? ? ? ? ? ? WATSON-CRICK ?     ? ? 
hydrog22 hydrog ?   ? A DT 10 N3 ? ? ? 1_555 B DA  3  N1 ? ? A DT 10 B DA  15 1_555 ? ? ? ? ? ? WATSON-CRICK ?     ? ? 
hydrog23 hydrog ?   ? A DT 10 O4 ? ? ? 1_555 B DA  3  N6 ? ? A DT 10 B DA  15 1_555 ? ? ? ? ? ? WATSON-CRICK ?     ? ? 
hydrog24 hydrog ?   ? A DC 11 N3 ? ? ? 1_555 B DG  2  N1 ? ? A DC 11 B DG  14 1_555 ? ? ? ? ? ? WATSON-CRICK ?     ? ? 
hydrog25 hydrog ?   ? A DC 11 N4 ? ? ? 1_555 B DG  2  O6 ? ? A DC 11 B DG  14 1_555 ? ? ? ? ? ? WATSON-CRICK ?     ? ? 
hydrog26 hydrog ?   ? A DC 11 O2 ? ? ? 1_555 B DG  2  N2 ? ? A DC 11 B DG  14 1_555 ? ? ? ? ? ? WATSON-CRICK ?     ? ? 
hydrog27 hydrog ?   ? A DC 12 N3 ? ? ? 1_555 B DG  1  N1 ? ? A DC 12 B DG  13 1_555 ? ? ? ? ? ? WATSON-CRICK ?     ? ? 
hydrog28 hydrog ?   ? A DC 12 N4 ? ? ? 1_555 B DG  1  O6 ? ? A DC 12 B DG  13 1_555 ? ? ? ? ? ? WATSON-CRICK ?     ? ? 
hydrog29 hydrog ?   ? A DC 12 O2 ? ? ? 1_555 B DG  1  N2 ? ? A DC 12 B DG  13 1_555 ? ? ? ? ? ? WATSON-CRICK ?     ? ? 
# 
loop_
_struct_conn_type.id 
_struct_conn_type.criteria 
_struct_conn_type.reference 
covale ? ? 
hydrog ? ? 
# 
_struct_site.id                   AC1 
_struct_site.pdbx_evidence_code   Software 
_struct_site.pdbx_auth_asym_id    A 
_struct_site.pdbx_auth_comp_id    HND 
_struct_site.pdbx_auth_seq_id     25 
_struct_site.pdbx_auth_ins_code   ? 
_struct_site.pdbx_num_residues    5 
_struct_site.details              'BINDING SITE FOR RESIDUE HND A 25' 
# 
loop_
_struct_site_gen.id 
_struct_site_gen.site_id 
_struct_site_gen.pdbx_num_res 
_struct_site_gen.label_comp_id 
_struct_site_gen.label_asym_id 
_struct_site_gen.label_seq_id 
_struct_site_gen.pdbx_auth_ins_code 
_struct_site_gen.auth_comp_id 
_struct_site_gen.auth_asym_id 
_struct_site_gen.auth_seq_id 
_struct_site_gen.label_atom_id 
_struct_site_gen.label_alt_id 
_struct_site_gen.symmetry 
_struct_site_gen.details 
1 AC1 5 DG A 7 ? DG A 7  . ? 1_555 ? 
2 AC1 5 DA A 8 ? DA A 8  . ? 1_555 ? 
3 AC1 5 DT B 5 ? DT B 17 . ? 1_555 ? 
4 AC1 5 DT B 6 ? DT B 18 . ? 1_555 ? 
5 AC1 5 DG B 7 ? DG B 19 . ? 1_555 ? 
# 
loop_
_pdbx_validate_rmsd_angle.id 
_pdbx_validate_rmsd_angle.PDB_model_num 
_pdbx_validate_rmsd_angle.auth_atom_id_1 
_pdbx_validate_rmsd_angle.auth_asym_id_1 
_pdbx_validate_rmsd_angle.auth_comp_id_1 
_pdbx_validate_rmsd_angle.auth_seq_id_1 
_pdbx_validate_rmsd_angle.PDB_ins_code_1 
_pdbx_validate_rmsd_angle.label_alt_id_1 
_pdbx_validate_rmsd_angle.auth_atom_id_2 
_pdbx_validate_rmsd_angle.auth_asym_id_2 
_pdbx_validate_rmsd_angle.auth_comp_id_2 
_pdbx_validate_rmsd_angle.auth_seq_id_2 
_pdbx_validate_rmsd_angle.PDB_ins_code_2 
_pdbx_validate_rmsd_angle.label_alt_id_2 
_pdbx_validate_rmsd_angle.auth_atom_id_3 
_pdbx_validate_rmsd_angle.auth_asym_id_3 
_pdbx_validate_rmsd_angle.auth_comp_id_3 
_pdbx_validate_rmsd_angle.auth_seq_id_3 
_pdbx_validate_rmsd_angle.PDB_ins_code_3 
_pdbx_validate_rmsd_angle.label_alt_id_3 
_pdbx_validate_rmsd_angle.angle_value 
_pdbx_validate_rmsd_angle.angle_target_value 
_pdbx_validate_rmsd_angle.angle_deviation 
_pdbx_validate_rmsd_angle.angle_standard_deviation 
_pdbx_validate_rmsd_angle.linker_flag 
1  1 N3    A DC 2  ? ? C2    A DC 2  ? ? O2    A DC 2  ? ? 117.55 121.90 -4.35 0.70 N 
2  1 C4    A DA 4  ? ? C5    A DA 4  ? ? C6    A DA 4  ? ? 113.40 117.00 -3.60 0.50 N 
3  1 C5    A DA 4  ? ? C6    A DA 4  ? ? N1    A DA 4  ? ? 121.47 117.70 3.77  0.50 N 
4  1 N1    A DA 4  ? ? C6    A DA 4  ? ? N6    A DA 4  ? ? 113.57 118.60 -5.03 0.60 N 
5  1 "O4'" A DG 5  ? ? "C1'" A DG 5  ? ? N9    A DG 5  ? ? 110.18 108.30 1.88  0.30 N 
6  1 N3    A DC 6  ? ? C2    A DC 6  ? ? O2    A DC 6  ? ? 117.25 121.90 -4.65 0.70 N 
7  1 "O4'" A DG 7  ? ? "C1'" A DG 7  ? ? N9    A DG 7  ? ? 110.35 108.30 2.05  0.30 N 
8  1 N3    A DG 7  ? ? C2    A DG 7  ? ? N2    A DG 7  ? ? 113.71 119.90 -6.19 0.70 N 
9  1 C4    A DA 8  ? ? C5    A DA 8  ? ? C6    A DA 8  ? ? 113.70 117.00 -3.30 0.50 N 
10 1 C5    A DA 8  ? ? C6    A DA 8  ? ? N1    A DA 8  ? ? 121.33 117.70 3.63  0.50 N 
11 1 N1    A DA 8  ? ? C6    A DA 8  ? ? N6    A DA 8  ? ? 113.52 118.60 -5.08 0.60 N 
12 1 N3    A DC 11 ? ? C2    A DC 11 ? ? O2    A DC 11 ? ? 117.04 121.90 -4.86 0.70 N 
13 1 N3    A DC 12 ? ? C2    A DC 12 ? ? O2    A DC 12 ? ? 117.55 121.90 -4.35 0.70 N 
14 1 C4    B DA 15 ? ? C5    B DA 15 ? ? C6    B DA 15 ? ? 113.42 117.00 -3.58 0.50 N 
15 1 C5    B DA 15 ? ? C6    B DA 15 ? ? N1    B DA 15 ? ? 121.28 117.70 3.58  0.50 N 
16 1 N1    B DA 15 ? ? C6    B DA 15 ? ? N6    B DA 15 ? ? 113.69 118.60 -4.91 0.60 N 
17 1 N3    B DC 16 ? ? C2    B DC 16 ? ? O2    B DC 16 ? ? 117.20 121.90 -4.70 0.70 N 
18 1 C6    B DT 17 ? ? C5    B DT 17 ? ? C7    B DT 17 ? ? 119.22 122.90 -3.68 0.60 N 
19 1 "O4'" B DT 18 ? ? "C4'" B DT 18 ? ? "C3'" B DT 18 ? ? 109.73 106.00 3.73  0.60 N 
20 1 N3    B DT 18 ? ? C2    B DT 18 ? ? O2    B DT 18 ? ? 118.46 122.30 -3.84 0.60 N 
21 1 C6    B DT 18 ? ? C5    B DT 18 ? ? C7    B DT 18 ? ? 118.62 122.90 -4.28 0.60 N 
22 1 "O4'" B DG 19 ? ? "C4'" B DG 19 ? ? "C3'" B DG 19 ? ? 110.56 106.00 4.56  0.60 N 
23 1 "O4'" B DG 19 ? ? "C1'" B DG 19 ? ? N9    B DG 19 ? ? 111.04 108.30 2.74  0.30 N 
24 1 N3    B DC 20 ? ? C2    B DC 20 ? ? O2    B DC 20 ? ? 117.43 121.90 -4.47 0.70 N 
25 1 "O4'" B DT 21 ? ? "C1'" B DT 21 ? ? N1    B DT 21 ? ? 110.31 108.30 2.01  0.30 N 
26 1 C6    B DT 21 ? ? C5    B DT 21 ? ? C7    B DT 21 ? ? 119.16 122.90 -3.74 0.60 N 
27 1 C4    B DA 22 ? ? C5    B DA 22 ? ? C6    B DA 22 ? ? 113.75 117.00 -3.25 0.50 N 
28 1 C5    B DA 22 ? ? C6    B DA 22 ? ? N1    B DA 22 ? ? 121.72 117.70 4.02  0.50 N 
29 1 N1    B DA 22 ? ? C6    B DA 22 ? ? N6    B DA 22 ? ? 113.85 118.60 -4.75 0.60 N 
30 1 "O4'" B DG 23 ? ? "C1'" B DG 23 ? ? N9    B DG 23 ? ? 111.13 108.30 2.83  0.30 N 
31 1 N1    B DG 23 ? ? C6    B DG 23 ? ? O6    B DG 23 ? ? 116.23 119.90 -3.67 0.60 N 
# 
loop_
_pdbx_validate_planes.id 
_pdbx_validate_planes.PDB_model_num 
_pdbx_validate_planes.auth_comp_id 
_pdbx_validate_planes.auth_asym_id 
_pdbx_validate_planes.auth_seq_id 
_pdbx_validate_planes.PDB_ins_code 
_pdbx_validate_planes.label_alt_id 
_pdbx_validate_planes.rmsd 
_pdbx_validate_planes.type 
1 1 DG A 1  ? ? 0.067 'SIDE CHAIN' 
2 1 DC A 6  ? ? 0.071 'SIDE CHAIN' 
3 1 DG B 13 ? ? 0.073 'SIDE CHAIN' 
# 
_pdbx_nmr_ensemble.average_constraint_violations_per_residue     ? 
_pdbx_nmr_ensemble.average_constraints_per_residue               ? 
_pdbx_nmr_ensemble.average_distance_constraint_violation         ? 
_pdbx_nmr_ensemble.average_torsion_angle_constraint_violation    ? 
_pdbx_nmr_ensemble.conformer_selection_criteria                  'back calculated data agree with experimental NOESY spectrum' 
_pdbx_nmr_ensemble.conformers_calculated_total_number            10 
_pdbx_nmr_ensemble.conformers_submitted_total_number             1 
_pdbx_nmr_ensemble.distance_constraint_violation_method          ? 
_pdbx_nmr_ensemble.entry_id                                      2LG3 
_pdbx_nmr_ensemble.maximum_distance_constraint_violation         ? 
_pdbx_nmr_ensemble.maximum_lower_distance_constraint_violation   ? 
_pdbx_nmr_ensemble.maximum_torsion_angle_constraint_violation    ? 
_pdbx_nmr_ensemble.maximum_upper_distance_constraint_violation   ? 
_pdbx_nmr_ensemble.torsion_angle_constraint_violation_method     ? 
# 
_pdbx_nmr_representative.conformer_id         1 
_pdbx_nmr_representative.entry_id             2LG3 
_pdbx_nmr_representative.selection_criteria   'closest to the average' 
# 
_pdbx_nmr_sample_details.contents         
;1 mM DNA (5'-D(*GP*CP*TP*AP*GP*CP*GP*AP*GP*TP*CP*C)-3'), 1 mM DNA (5'-D(*GP*GP*AP*CP*TP*TP*GP*CP*TP*AP*GP*C)-3'), 1 mM (2E,4R)-4-HYDROXYNON-2-ENAL, 100% D2O
;
_pdbx_nmr_sample_details.solution_id      1 
_pdbx_nmr_sample_details.solvent_system   '100% D2O' 
# 
loop_
_pdbx_nmr_exptl_sample.component 
_pdbx_nmr_exptl_sample.concentration 
_pdbx_nmr_exptl_sample.concentration_range 
_pdbx_nmr_exptl_sample.concentration_units 
_pdbx_nmr_exptl_sample.isotopic_labeling 
_pdbx_nmr_exptl_sample.solution_id 
;DNA (5'-D(*GP*CP*TP*AP*GP*CP*GP*AP*GP*TP*CP*C)-3')-1
;
1 ? mM ? 1 
;DNA (5'-D(*GP*GP*AP*CP*TP*TP*GP*CP*TP*AP*GP*C)-3')-2
;
1 ? mM ? 1 
'(2E,4R)-4-HYDROXYNON-2-ENAL-3'                        1 ? mM ? 1 
# 
_pdbx_nmr_exptl_sample_conditions.conditions_id       1 
_pdbx_nmr_exptl_sample_conditions.ionic_strength      100 
_pdbx_nmr_exptl_sample_conditions.pH                  7.0 
_pdbx_nmr_exptl_sample_conditions.pressure            ambient 
_pdbx_nmr_exptl_sample_conditions.pressure_units      ? 
_pdbx_nmr_exptl_sample_conditions.temperature         298 
_pdbx_nmr_exptl_sample_conditions.temperature_units   K 
# 
_pdbx_nmr_exptl.conditions_id   1 
_pdbx_nmr_exptl.experiment_id   1 
_pdbx_nmr_exptl.solution_id     1 
_pdbx_nmr_exptl.type            '2D 1H-1H NOESY' 
# 
_pdbx_nmr_refine.entry_id           2LG3 
_pdbx_nmr_refine.method             'simulated annealing' 
_pdbx_nmr_refine.details            ? 
_pdbx_nmr_refine.software_ordinal   1 
# 
_pdbx_nmr_software.authors          'Case, Darden, Cheatham, III, Simmerling, Wang, Duke, Luo, and Kollm' 
_pdbx_nmr_software.classification   refinement 
_pdbx_nmr_software.name             Amber 
_pdbx_nmr_software.version          ? 
_pdbx_nmr_software.ordinal          1 
# 
loop_
_chem_comp_atom.comp_id 
_chem_comp_atom.atom_id 
_chem_comp_atom.type_symbol 
_chem_comp_atom.pdbx_aromatic_flag 
_chem_comp_atom.pdbx_stereo_config 
_chem_comp_atom.pdbx_ordinal 
DA  OP3    O N N 1   
DA  P      P N N 2   
DA  OP1    O N N 3   
DA  OP2    O N N 4   
DA  "O5'"  O N N 5   
DA  "C5'"  C N N 6   
DA  "C4'"  C N R 7   
DA  "O4'"  O N N 8   
DA  "C3'"  C N S 9   
DA  "O3'"  O N N 10  
DA  "C2'"  C N N 11  
DA  "C1'"  C N R 12  
DA  N9     N Y N 13  
DA  C8     C Y N 14  
DA  N7     N Y N 15  
DA  C5     C Y N 16  
DA  C6     C Y N 17  
DA  N6     N N N 18  
DA  N1     N Y N 19  
DA  C2     C Y N 20  
DA  N3     N Y N 21  
DA  C4     C Y N 22  
DA  HOP3   H N N 23  
DA  HOP2   H N N 24  
DA  "H5'"  H N N 25  
DA  "H5''" H N N 26  
DA  "H4'"  H N N 27  
DA  "H3'"  H N N 28  
DA  "HO3'" H N N 29  
DA  "H2'"  H N N 30  
DA  "H2''" H N N 31  
DA  "H1'"  H N N 32  
DA  H8     H N N 33  
DA  H61    H N N 34  
DA  H62    H N N 35  
DA  H2     H N N 36  
DC  OP3    O N N 37  
DC  P      P N N 38  
DC  OP1    O N N 39  
DC  OP2    O N N 40  
DC  "O5'"  O N N 41  
DC  "C5'"  C N N 42  
DC  "C4'"  C N R 43  
DC  "O4'"  O N N 44  
DC  "C3'"  C N S 45  
DC  "O3'"  O N N 46  
DC  "C2'"  C N N 47  
DC  "C1'"  C N R 48  
DC  N1     N N N 49  
DC  C2     C N N 50  
DC  O2     O N N 51  
DC  N3     N N N 52  
DC  C4     C N N 53  
DC  N4     N N N 54  
DC  C5     C N N 55  
DC  C6     C N N 56  
DC  HOP3   H N N 57  
DC  HOP2   H N N 58  
DC  "H5'"  H N N 59  
DC  "H5''" H N N 60  
DC  "H4'"  H N N 61  
DC  "H3'"  H N N 62  
DC  "HO3'" H N N 63  
DC  "H2'"  H N N 64  
DC  "H2''" H N N 65  
DC  "H1'"  H N N 66  
DC  H41    H N N 67  
DC  H42    H N N 68  
DC  H5     H N N 69  
DC  H6     H N N 70  
DG  OP3    O N N 71  
DG  P      P N N 72  
DG  OP1    O N N 73  
DG  OP2    O N N 74  
DG  "O5'"  O N N 75  
DG  "C5'"  C N N 76  
DG  "C4'"  C N R 77  
DG  "O4'"  O N N 78  
DG  "C3'"  C N S 79  
DG  "O3'"  O N N 80  
DG  "C2'"  C N N 81  
DG  "C1'"  C N R 82  
DG  N9     N Y N 83  
DG  C8     C Y N 84  
DG  N7     N Y N 85  
DG  C5     C Y N 86  
DG  C6     C N N 87  
DG  O6     O N N 88  
DG  N1     N N N 89  
DG  C2     C N N 90  
DG  N2     N N N 91  
DG  N3     N N N 92  
DG  C4     C Y N 93  
DG  HOP3   H N N 94  
DG  HOP2   H N N 95  
DG  "H5'"  H N N 96  
DG  "H5''" H N N 97  
DG  "H4'"  H N N 98  
DG  "H3'"  H N N 99  
DG  "HO3'" H N N 100 
DG  "H2'"  H N N 101 
DG  "H2''" H N N 102 
DG  "H1'"  H N N 103 
DG  H8     H N N 104 
DG  H1     H N N 105 
DG  H21    H N N 106 
DG  H22    H N N 107 
DT  OP3    O N N 108 
DT  P      P N N 109 
DT  OP1    O N N 110 
DT  OP2    O N N 111 
DT  "O5'"  O N N 112 
DT  "C5'"  C N N 113 
DT  "C4'"  C N R 114 
DT  "O4'"  O N N 115 
DT  "C3'"  C N S 116 
DT  "O3'"  O N N 117 
DT  "C2'"  C N N 118 
DT  "C1'"  C N R 119 
DT  N1     N N N 120 
DT  C2     C N N 121 
DT  O2     O N N 122 
DT  N3     N N N 123 
DT  C4     C N N 124 
DT  O4     O N N 125 
DT  C5     C N N 126 
DT  C7     C N N 127 
DT  C6     C N N 128 
DT  HOP3   H N N 129 
DT  HOP2   H N N 130 
DT  "H5'"  H N N 131 
DT  "H5''" H N N 132 
DT  "H4'"  H N N 133 
DT  "H3'"  H N N 134 
DT  "HO3'" H N N 135 
DT  "H2'"  H N N 136 
DT  "H2''" H N N 137 
DT  "H1'"  H N N 138 
DT  H3     H N N 139 
DT  H71    H N N 140 
DT  H72    H N N 141 
DT  H73    H N N 142 
DT  H6     H N N 143 
HND C1     C N N 144 
HND C2     C N N 145 
HND C3     C N N 146 
HND C4     C N S 147 
HND C5     C N N 148 
HND C6     C N N 149 
HND C7     C N N 150 
HND C8     C N N 151 
HND C9     C N N 152 
HND O10    O N N 153 
HND O11    O N N 154 
HND H2     H N N 155 
HND H3     H N N 156 
HND H4     H N N 157 
HND H5     H N N 158 
HND H5A    H N N 159 
HND HO10   H N N 160 
HND H6     H N N 161 
HND H6A    H N N 162 
HND H7     H N N 163 
HND H7A    H N N 164 
HND H8     H N N 165 
HND H8A    H N N 166 
HND H9     H N N 167 
HND H9A    H N N 168 
HND H9B    H N N 169 
HND H1     H N N 170 
HND HO11   H N N 171 
HND H2A    H N N 172 
HND H1A    H N N 173 
HND H3A    H N N 174 
# 
loop_
_chem_comp_bond.comp_id 
_chem_comp_bond.atom_id_1 
_chem_comp_bond.atom_id_2 
_chem_comp_bond.value_order 
_chem_comp_bond.pdbx_aromatic_flag 
_chem_comp_bond.pdbx_stereo_config 
_chem_comp_bond.pdbx_ordinal 
DA  OP3   P      sing N N 1   
DA  OP3   HOP3   sing N N 2   
DA  P     OP1    doub N N 3   
DA  P     OP2    sing N N 4   
DA  P     "O5'"  sing N N 5   
DA  OP2   HOP2   sing N N 6   
DA  "O5'" "C5'"  sing N N 7   
DA  "C5'" "C4'"  sing N N 8   
DA  "C5'" "H5'"  sing N N 9   
DA  "C5'" "H5''" sing N N 10  
DA  "C4'" "O4'"  sing N N 11  
DA  "C4'" "C3'"  sing N N 12  
DA  "C4'" "H4'"  sing N N 13  
DA  "O4'" "C1'"  sing N N 14  
DA  "C3'" "O3'"  sing N N 15  
DA  "C3'" "C2'"  sing N N 16  
DA  "C3'" "H3'"  sing N N 17  
DA  "O3'" "HO3'" sing N N 18  
DA  "C2'" "C1'"  sing N N 19  
DA  "C2'" "H2'"  sing N N 20  
DA  "C2'" "H2''" sing N N 21  
DA  "C1'" N9     sing N N 22  
DA  "C1'" "H1'"  sing N N 23  
DA  N9    C8     sing Y N 24  
DA  N9    C4     sing Y N 25  
DA  C8    N7     doub Y N 26  
DA  C8    H8     sing N N 27  
DA  N7    C5     sing Y N 28  
DA  C5    C6     sing Y N 29  
DA  C5    C4     doub Y N 30  
DA  C6    N6     sing N N 31  
DA  C6    N1     doub Y N 32  
DA  N6    H61    sing N N 33  
DA  N6    H62    sing N N 34  
DA  N1    C2     sing Y N 35  
DA  C2    N3     doub Y N 36  
DA  C2    H2     sing N N 37  
DA  N3    C4     sing Y N 38  
DC  OP3   P      sing N N 39  
DC  OP3   HOP3   sing N N 40  
DC  P     OP1    doub N N 41  
DC  P     OP2    sing N N 42  
DC  P     "O5'"  sing N N 43  
DC  OP2   HOP2   sing N N 44  
DC  "O5'" "C5'"  sing N N 45  
DC  "C5'" "C4'"  sing N N 46  
DC  "C5'" "H5'"  sing N N 47  
DC  "C5'" "H5''" sing N N 48  
DC  "C4'" "O4'"  sing N N 49  
DC  "C4'" "C3'"  sing N N 50  
DC  "C4'" "H4'"  sing N N 51  
DC  "O4'" "C1'"  sing N N 52  
DC  "C3'" "O3'"  sing N N 53  
DC  "C3'" "C2'"  sing N N 54  
DC  "C3'" "H3'"  sing N N 55  
DC  "O3'" "HO3'" sing N N 56  
DC  "C2'" "C1'"  sing N N 57  
DC  "C2'" "H2'"  sing N N 58  
DC  "C2'" "H2''" sing N N 59  
DC  "C1'" N1     sing N N 60  
DC  "C1'" "H1'"  sing N N 61  
DC  N1    C2     sing N N 62  
DC  N1    C6     sing N N 63  
DC  C2    O2     doub N N 64  
DC  C2    N3     sing N N 65  
DC  N3    C4     doub N N 66  
DC  C4    N4     sing N N 67  
DC  C4    C5     sing N N 68  
DC  N4    H41    sing N N 69  
DC  N4    H42    sing N N 70  
DC  C5    C6     doub N N 71  
DC  C5    H5     sing N N 72  
DC  C6    H6     sing N N 73  
DG  OP3   P      sing N N 74  
DG  OP3   HOP3   sing N N 75  
DG  P     OP1    doub N N 76  
DG  P     OP2    sing N N 77  
DG  P     "O5'"  sing N N 78  
DG  OP2   HOP2   sing N N 79  
DG  "O5'" "C5'"  sing N N 80  
DG  "C5'" "C4'"  sing N N 81  
DG  "C5'" "H5'"  sing N N 82  
DG  "C5'" "H5''" sing N N 83  
DG  "C4'" "O4'"  sing N N 84  
DG  "C4'" "C3'"  sing N N 85  
DG  "C4'" "H4'"  sing N N 86  
DG  "O4'" "C1'"  sing N N 87  
DG  "C3'" "O3'"  sing N N 88  
DG  "C3'" "C2'"  sing N N 89  
DG  "C3'" "H3'"  sing N N 90  
DG  "O3'" "HO3'" sing N N 91  
DG  "C2'" "C1'"  sing N N 92  
DG  "C2'" "H2'"  sing N N 93  
DG  "C2'" "H2''" sing N N 94  
DG  "C1'" N9     sing N N 95  
DG  "C1'" "H1'"  sing N N 96  
DG  N9    C8     sing Y N 97  
DG  N9    C4     sing Y N 98  
DG  C8    N7     doub Y N 99  
DG  C8    H8     sing N N 100 
DG  N7    C5     sing Y N 101 
DG  C5    C6     sing N N 102 
DG  C5    C4     doub Y N 103 
DG  C6    O6     doub N N 104 
DG  C6    N1     sing N N 105 
DG  N1    C2     sing N N 106 
DG  N1    H1     sing N N 107 
DG  C2    N2     sing N N 108 
DG  C2    N3     doub N N 109 
DG  N2    H21    sing N N 110 
DG  N2    H22    sing N N 111 
DG  N3    C4     sing N N 112 
DT  OP3   P      sing N N 113 
DT  OP3   HOP3   sing N N 114 
DT  P     OP1    doub N N 115 
DT  P     OP2    sing N N 116 
DT  P     "O5'"  sing N N 117 
DT  OP2   HOP2   sing N N 118 
DT  "O5'" "C5'"  sing N N 119 
DT  "C5'" "C4'"  sing N N 120 
DT  "C5'" "H5'"  sing N N 121 
DT  "C5'" "H5''" sing N N 122 
DT  "C4'" "O4'"  sing N N 123 
DT  "C4'" "C3'"  sing N N 124 
DT  "C4'" "H4'"  sing N N 125 
DT  "O4'" "C1'"  sing N N 126 
DT  "C3'" "O3'"  sing N N 127 
DT  "C3'" "C2'"  sing N N 128 
DT  "C3'" "H3'"  sing N N 129 
DT  "O3'" "HO3'" sing N N 130 
DT  "C2'" "C1'"  sing N N 131 
DT  "C2'" "H2'"  sing N N 132 
DT  "C2'" "H2''" sing N N 133 
DT  "C1'" N1     sing N N 134 
DT  "C1'" "H1'"  sing N N 135 
DT  N1    C2     sing N N 136 
DT  N1    C6     sing N N 137 
DT  C2    O2     doub N N 138 
DT  C2    N3     sing N N 139 
DT  N3    C4     sing N N 140 
DT  N3    H3     sing N N 141 
DT  C4    O4     doub N N 142 
DT  C4    C5     sing N N 143 
DT  C5    C7     sing N N 144 
DT  C5    C6     doub N N 145 
DT  C7    H71    sing N N 146 
DT  C7    H72    sing N N 147 
DT  C7    H73    sing N N 148 
DT  C6    H6     sing N N 149 
HND H1    C1     sing N N 150 
HND C2    C1     sing N N 151 
HND C1    O11    sing N N 152 
HND C1    H1A    sing N N 153 
HND H2    C2     sing N N 154 
HND H2A   C2     sing N N 155 
HND C2    C3     sing N N 156 
HND C4    C3     sing N N 157 
HND C3    H3     sing N N 158 
HND C3    H3A    sing N N 159 
HND H4    C4     sing N N 160 
HND C5    C4     sing N N 161 
HND C4    O10    sing N N 162 
HND H5A   C5     sing N N 163 
HND C6    C5     sing N N 164 
HND C5    H5     sing N N 165 
HND C7    C6     sing N N 166 
HND H6    C6     sing N N 167 
HND C6    H6A    sing N N 168 
HND H7    C7     sing N N 169 
HND H7A   C7     sing N N 170 
HND C7    C8     sing N N 171 
HND C9    C8     sing N N 172 
HND C8    H8     sing N N 173 
HND C8    H8A    sing N N 174 
HND H9    C9     sing N N 175 
HND H9A   C9     sing N N 176 
HND C9    H9B    sing N N 177 
HND HO10  O10    sing N N 178 
HND HO11  O11    sing N N 179 
# 
loop_
_ndb_struct_conf_na.entry_id 
_ndb_struct_conf_na.feature 
2LG3 'double helix'         
2LG3 'b-form double helix'  
2LG3 'mismatched base pair' 
# 
loop_
_ndb_struct_na_base_pair.model_number 
_ndb_struct_na_base_pair.i_label_asym_id 
_ndb_struct_na_base_pair.i_label_comp_id 
_ndb_struct_na_base_pair.i_label_seq_id 
_ndb_struct_na_base_pair.i_symmetry 
_ndb_struct_na_base_pair.j_label_asym_id 
_ndb_struct_na_base_pair.j_label_comp_id 
_ndb_struct_na_base_pair.j_label_seq_id 
_ndb_struct_na_base_pair.j_symmetry 
_ndb_struct_na_base_pair.shear 
_ndb_struct_na_base_pair.stretch 
_ndb_struct_na_base_pair.stagger 
_ndb_struct_na_base_pair.buckle 
_ndb_struct_na_base_pair.propeller 
_ndb_struct_na_base_pair.opening 
_ndb_struct_na_base_pair.pair_number 
_ndb_struct_na_base_pair.pair_name 
_ndb_struct_na_base_pair.i_auth_asym_id 
_ndb_struct_na_base_pair.i_auth_seq_id 
_ndb_struct_na_base_pair.i_PDB_ins_code 
_ndb_struct_na_base_pair.j_auth_asym_id 
_ndb_struct_na_base_pair.j_auth_seq_id 
_ndb_struct_na_base_pair.j_PDB_ins_code 
_ndb_struct_na_base_pair.hbond_type_28 
_ndb_struct_na_base_pair.hbond_type_12 
1 A DG 1  1_555 B DC 12 1_555 -0.430 -0.109 0.288  9.416   13.724  2.814  1  A_DG1:DC24_B  A 1  ? B 24 ? 19 1 
1 A DC 2  1_555 B DG 11 1_555 0.223  -0.094 0.067  11.172  -11.081 -2.435 2  A_DC2:DG23_B  A 2  ? B 23 ? 19 1 
1 A DT 3  1_555 B DA 10 1_555 -0.181 0.074  -0.346 15.022  -10.785 -4.452 3  A_DT3:DA22_B  A 3  ? B 22 ? 20 1 
1 A DA 4  1_555 B DT 9  1_555 -0.010 -0.012 -0.065 -1.996  -16.240 -0.300 4  A_DA4:DT21_B  A 4  ? B 21 ? 20 1 
1 A DG 5  1_555 B DC 8  1_555 -0.167 -0.073 0.061  -5.409  -4.248  -1.299 5  A_DG5:DC20_B  A 5  ? B 20 ? 19 1 
1 A DC 6  1_555 B DG 7  1_555 0.392  -0.128 0.351  -8.360  -11.174 -0.758 6  A_DC6:DG19_B  A 6  ? B 19 ? 19 1 
1 A DA 8  1_555 B DT 5  1_555 0.108  0.038  -0.027 -10.157 12.022  -0.048 7  A_DA8:DT17_B  A 8  ? B 17 ? 20 1 
1 A DG 9  1_555 B DC 4  1_555 -0.367 -0.103 0.464  6.922   -0.876  -0.906 8  A_DG9:DC16_B  A 9  ? B 16 ? 19 1 
1 A DT 10 1_555 B DA 3  1_555 -0.206 -0.002 -0.067 3.780   -14.731 -0.506 9  A_DT10:DA15_B A 10 ? B 15 ? 20 1 
1 A DC 11 1_555 B DG 2  1_555 0.336  -0.117 -0.062 -3.561  -6.496  -0.381 10 A_DC11:DG14_B A 11 ? B 14 ? 19 1 
1 A DC 12 1_555 B DG 1  1_555 0.457  -0.134 0.428  -13.920 3.963   0.255  11 A_DC12:DG13_B A 12 ? B 13 ? 19 1 
# 
loop_
_ndb_struct_na_base_pair_step.model_number 
_ndb_struct_na_base_pair_step.i_label_asym_id_1 
_ndb_struct_na_base_pair_step.i_label_comp_id_1 
_ndb_struct_na_base_pair_step.i_label_seq_id_1 
_ndb_struct_na_base_pair_step.i_symmetry_1 
_ndb_struct_na_base_pair_step.j_label_asym_id_1 
_ndb_struct_na_base_pair_step.j_label_comp_id_1 
_ndb_struct_na_base_pair_step.j_label_seq_id_1 
_ndb_struct_na_base_pair_step.j_symmetry_1 
_ndb_struct_na_base_pair_step.i_label_asym_id_2 
_ndb_struct_na_base_pair_step.i_label_comp_id_2 
_ndb_struct_na_base_pair_step.i_label_seq_id_2 
_ndb_struct_na_base_pair_step.i_symmetry_2 
_ndb_struct_na_base_pair_step.j_label_asym_id_2 
_ndb_struct_na_base_pair_step.j_label_comp_id_2 
_ndb_struct_na_base_pair_step.j_label_seq_id_2 
_ndb_struct_na_base_pair_step.j_symmetry_2 
_ndb_struct_na_base_pair_step.shift 
_ndb_struct_na_base_pair_step.slide 
_ndb_struct_na_base_pair_step.rise 
_ndb_struct_na_base_pair_step.tilt 
_ndb_struct_na_base_pair_step.roll 
_ndb_struct_na_base_pair_step.twist 
_ndb_struct_na_base_pair_step.x_displacement 
_ndb_struct_na_base_pair_step.y_displacement 
_ndb_struct_na_base_pair_step.helical_rise 
_ndb_struct_na_base_pair_step.inclination 
_ndb_struct_na_base_pair_step.tip 
_ndb_struct_na_base_pair_step.helical_twist 
_ndb_struct_na_base_pair_step.step_number 
_ndb_struct_na_base_pair_step.step_name 
_ndb_struct_na_base_pair_step.i_auth_asym_id_1 
_ndb_struct_na_base_pair_step.i_auth_seq_id_1 
_ndb_struct_na_base_pair_step.i_PDB_ins_code_1 
_ndb_struct_na_base_pair_step.j_auth_asym_id_1 
_ndb_struct_na_base_pair_step.j_auth_seq_id_1 
_ndb_struct_na_base_pair_step.j_PDB_ins_code_1 
_ndb_struct_na_base_pair_step.i_auth_asym_id_2 
_ndb_struct_na_base_pair_step.i_auth_seq_id_2 
_ndb_struct_na_base_pair_step.i_PDB_ins_code_2 
_ndb_struct_na_base_pair_step.j_auth_asym_id_2 
_ndb_struct_na_base_pair_step.j_auth_seq_id_2 
_ndb_struct_na_base_pair_step.j_PDB_ins_code_2 
1 A DG 1  1_555 B DC 12 1_555 A DC 2  1_555 B DG 11 1_555 -0.472 -0.599 3.359 1.586  4.776  31.766 -1.945 1.140  3.210 8.657   
-2.876 32.152 1 AA_DG1DC2:DG23DC24_BB   A 1  ? B 24 ? A 2  ? B 23 ? 
1 A DC 2  1_555 B DG 11 1_555 A DT 3  1_555 B DA 10 1_555 -0.052 -0.938 3.272 2.196  1.373  29.163 -2.152 0.574  3.213 2.721   
-4.350 29.276 2 AA_DC2DT3:DA22DG23_BB   A 2  ? B 23 ? A 3  ? B 22 ? 
1 A DT 3  1_555 B DA 10 1_555 A DA 4  1_555 B DT 9  1_555 0.313  -1.025 3.618 -1.291 19.370 32.470 -4.170 -0.657 2.608 31.390  
2.093  37.696 3 AA_DT3DA4:DT21DA22_BB   A 3  ? B 22 ? A 4  ? B 21 ? 
1 A DA 4  1_555 B DT 9  1_555 A DG 5  1_555 B DC 8  1_555 -0.215 -1.105 3.430 -1.556 -0.604 31.976 -1.888 0.095  3.456 -1.095  
2.821  32.018 4 AA_DA4DG5:DC20DT21_BB   A 4  ? B 21 ? A 5  ? B 20 ? 
1 A DG 5  1_555 B DC 8  1_555 A DC 6  1_555 B DG 7  1_555 -0.246 -0.960 3.418 -3.545 5.165  38.442 -2.085 -0.073 3.276 7.781   
5.341  38.931 5 AA_DG5DC6:DG19DC20_BB   A 5  ? B 20 ? A 6  ? B 19 ? 
1 A DA 8  1_555 B DT 5  1_555 A DG 9  1_555 B DC 4  1_555 0.832  -1.319 3.122 -1.280 -7.674 21.411 -0.536 -2.577 3.332 -19.831 
3.308  22.765 6 AA_DA8DG9:DC16DT17_BB   A 8  ? B 17 ? A 9  ? B 16 ? 
1 A DG 9  1_555 B DC 4  1_555 A DT 10 1_555 B DA 3  1_555 -0.420 -1.016 3.466 5.553  0.906  36.842 -1.716 1.429  3.344 1.423   
-8.723 37.255 7 AA_DG9DT10:DA15DC16_BB  A 9  ? B 16 ? A 10 ? B 15 ? 
1 A DT 10 1_555 B DA 3  1_555 A DC 11 1_555 B DG 2  1_555 0.085  -0.340 3.459 -1.197 1.824  40.900 -0.696 -0.260 3.437 2.608   
1.712  40.956 8 AA_DT10DC11:DG14DA15_BB A 10 ? B 15 ? A 11 ? B 14 ? 
1 A DC 11 1_555 B DG 2  1_555 A DC 12 1_555 B DG 1  1_555 -0.086 -0.726 3.668 -5.394 -0.196 38.519 -1.065 -0.607 3.650 -0.295  
8.128  38.882 9 AA_DC11DC12:DG13DG14_BB A 11 ? B 14 ? A 12 ? B 13 ? 
# 
_pdbx_nmr_spectrometer.field_strength    800 
_pdbx_nmr_spectrometer.manufacturer      Bruker 
_pdbx_nmr_spectrometer.model             AVANCE 
_pdbx_nmr_spectrometer.spectrometer_id   1 
_pdbx_nmr_spectrometer.type              'Bruker Avance' 
# 
_atom_sites.entry_id                    2LG3 
_atom_sites.fract_transf_matrix[1][1]   1.000000 
_atom_sites.fract_transf_matrix[1][2]   0.000000 
_atom_sites.fract_transf_matrix[1][3]   0.000000 
_atom_sites.fract_transf_matrix[2][1]   0.000000 
_atom_sites.fract_transf_matrix[2][2]   1.000000 
_atom_sites.fract_transf_matrix[2][3]   0.000000 
_atom_sites.fract_transf_matrix[3][1]   0.000000 
_atom_sites.fract_transf_matrix[3][2]   0.000000 
_atom_sites.fract_transf_matrix[3][3]   1.000000 
_atom_sites.fract_transf_vector[1]      0.00000 
_atom_sites.fract_transf_vector[2]      0.00000 
_atom_sites.fract_transf_vector[3]      0.00000 
# 
loop_
_atom_type.symbol 
C 
H 
N 
O 
P 
# 
loop_
_atom_site.group_PDB 
_atom_site.id 
_atom_site.type_symbol 
_atom_site.label_atom_id 
_atom_site.label_alt_id 
_atom_site.label_comp_id 
_atom_site.label_asym_id 
_atom_site.label_entity_id 
_atom_site.label_seq_id 
_atom_site.pdbx_PDB_ins_code 
_atom_site.Cartn_x 
_atom_site.Cartn_y 
_atom_site.Cartn_z 
_atom_site.occupancy 
_atom_site.B_iso_or_equiv 
_atom_site.pdbx_formal_charge 
_atom_site.auth_seq_id 
_atom_site.auth_comp_id 
_atom_site.auth_asym_id 
_atom_site.auth_atom_id 
_atom_site.pdbx_PDB_model_num 
ATOM   1   O "O5'"  . DG  A 1 1  ? -6.682  -13.475 15.049  1.00 0.00 ? 1  DG  A "O5'"  1 
ATOM   2   C "C5'"  . DG  A 1 1  ? -6.347  -13.421 13.653  1.00 0.00 ? 1  DG  A "C5'"  1 
ATOM   3   C "C4'"  . DG  A 1 1  ? -7.598  -13.034 12.848  1.00 0.00 ? 1  DG  A "C4'"  1 
ATOM   4   O "O4'"  . DG  A 1 1  ? -8.067  -11.784 13.333  1.00 0.00 ? 1  DG  A "O4'"  1 
ATOM   5   C "C3'"  . DG  A 1 1  ? -7.301  -12.873 11.354  1.00 0.00 ? 1  DG  A "C3'"  1 
ATOM   6   O "O3'"  . DG  A 1 1  ? -8.446  -13.297 10.642  1.00 0.00 ? 1  DG  A "O3'"  1 
ATOM   7   C "C2'"  . DG  A 1 1  ? -7.010  -11.375 11.230  1.00 0.00 ? 1  DG  A "C2'"  1 
ATOM   8   C "C1'"  . DG  A 1 1  ? -7.868  -10.771 12.352  1.00 0.00 ? 1  DG  A "C1'"  1 
ATOM   9   N N9     . DG  A 1 1  ? -7.251  -9.597  13.019  1.00 0.00 ? 1  DG  A N9     1 
ATOM   10  C C8     . DG  A 1 1  ? -5.951  -9.411  13.420  1.00 0.00 ? 1  DG  A C8     1 
ATOM   11  N N7     . DG  A 1 1  ? -5.757  -8.349  14.152  1.00 0.00 ? 1  DG  A N7     1 
ATOM   12  C C5     . DG  A 1 1  ? -7.024  -7.745  14.202  1.00 0.00 ? 1  DG  A C5     1 
ATOM   13  C C6     . DG  A 1 1  ? -7.511  -6.564  14.874  1.00 0.00 ? 1  DG  A C6     1 
ATOM   14  O O6     . DG  A 1 1  ? -6.931  -5.785  15.629  1.00 0.00 ? 1  DG  A O6     1 
ATOM   15  N N1     . DG  A 1 1  ? -8.852  -6.331  14.661  1.00 0.00 ? 1  DG  A N1     1 
ATOM   16  C C2     . DG  A 1 1  ? -9.647  -7.123  13.905  1.00 0.00 ? 1  DG  A C2     1 
ATOM   17  N N2     . DG  A 1 1  ? -10.899 -6.785  13.790  1.00 0.00 ? 1  DG  A N2     1 
ATOM   18  N N3     . DG  A 1 1  ? -9.265  -8.248  13.315  1.00 0.00 ? 1  DG  A N3     1 
ATOM   19  C C4     . DG  A 1 1  ? -7.934  -8.501  13.489  1.00 0.00 ? 1  DG  A C4     1 
ATOM   20  H "H5'"  . DG  A 1 1  ? -5.987  -14.396 13.319  1.00 0.00 ? 1  DG  A "H5'"  1 
ATOM   21  H "H5''" . DG  A 1 1  ? -5.568  -12.676 13.489  1.00 0.00 ? 1  DG  A "H5''" 1 
ATOM   22  H "H4'"  . DG  A 1 1  ? -8.364  -13.800 12.976  1.00 0.00 ? 1  DG  A "H4'"  1 
ATOM   23  H "H3'"  . DG  A 1 1  ? -6.436  -13.465 11.049  1.00 0.00 ? 1  DG  A "H3'"  1 
ATOM   24  H "H2'"  . DG  A 1 1  ? -5.949  -11.199 11.389  1.00 0.00 ? 1  DG  A "H2'"  1 
ATOM   25  H "H2''" . DG  A 1 1  ? -7.293  -10.980 10.255  1.00 0.00 ? 1  DG  A "H2''" 1 
ATOM   26  H "H1'"  . DG  A 1 1  ? -8.839  -10.483 11.929  1.00 0.00 ? 1  DG  A "H1'"  1 
ATOM   27  H H8     . DG  A 1 1  ? -5.160  -10.110 13.189  1.00 0.00 ? 1  DG  A H8     1 
ATOM   28  H H1     . DG  A 1 1  ? -9.231  -5.484  15.053  1.00 0.00 ? 1  DG  A H1     1 
ATOM   29  H H21    . DG  A 1 1  ? -11.430 -7.273  13.095  1.00 0.00 ? 1  DG  A H21    1 
ATOM   30  H H22    . DG  A 1 1  ? -11.238 -5.942  14.243  1.00 0.00 ? 1  DG  A H22    1 
ATOM   31  H "HO5'" . DG  A 1 1  ? -7.276  -12.731 15.215  1.00 0.00 ? 1  DG  A "HO5'" 1 
ATOM   32  P P      . DC  A 1 2  ? -8.465  -13.385 9.039   1.00 0.00 ? 2  DC  A P      1 
ATOM   33  O OP1    . DC  A 1 2  ? -9.374  -14.492 8.673   1.00 0.00 ? 2  DC  A OP1    1 
ATOM   34  O OP2    . DC  A 1 2  ? -7.059  -13.392 8.585   1.00 0.00 ? 2  DC  A OP2    1 
ATOM   35  O "O5'"  . DC  A 1 2  ? -9.153  -11.970 8.685   1.00 0.00 ? 2  DC  A "O5'"  1 
ATOM   36  C "C5'"  . DC  A 1 2  ? -10.546 -11.785 8.909   1.00 0.00 ? 2  DC  A "C5'"  1 
ATOM   37  C "C4'"  . DC  A 1 2  ? -11.027 -10.328 8.804   1.00 0.00 ? 2  DC  A "C4'"  1 
ATOM   38  O "O4'"  . DC  A 1 2  ? -10.386 -9.496  9.761   1.00 0.00 ? 2  DC  A "O4'"  1 
ATOM   39  C "C3'"  . DC  A 1 2  ? -10.871 -9.686  7.417   1.00 0.00 ? 2  DC  A "C3'"  1 
ATOM   40  O "O3'"  . DC  A 1 2  ? -12.164 -9.517  6.852   1.00 0.00 ? 2  DC  A "O3'"  1 
ATOM   41  C "C2'"  . DC  A 1 2  ? -10.191 -8.345  7.721   1.00 0.00 ? 2  DC  A "C2'"  1 
ATOM   42  C "C1'"  . DC  A 1 2  ? -10.355 -8.182  9.239   1.00 0.00 ? 2  DC  A "C1'"  1 
ATOM   43  N N1     . DC  A 1 2  ? -9.231  -7.445  9.874   1.00 0.00 ? 2  DC  A N1     1 
ATOM   44  C C2     . DC  A 1 2  ? -9.488  -6.280  10.604  1.00 0.00 ? 2  DC  A C2     1 
ATOM   45  O O2     . DC  A 1 2  ? -10.629 -5.829  10.733  1.00 0.00 ? 2  DC  A O2     1 
ATOM   46  N N3     . DC  A 1 2  ? -8.481  -5.614  11.212  1.00 0.00 ? 2  DC  A N3     1 
ATOM   47  C C4     . DC  A 1 2  ? -7.253  -6.073  11.084  1.00 0.00 ? 2  DC  A C4     1 
ATOM   48  N N4     . DC  A 1 2  ? -6.328  -5.422  11.721  1.00 0.00 ? 2  DC  A N4     1 
ATOM   49  C C5     . DC  A 1 2  ? -6.925  -7.262  10.375  1.00 0.00 ? 2  DC  A C5     1 
ATOM   50  C C6     . DC  A 1 2  ? -7.948  -7.929  9.781   1.00 0.00 ? 2  DC  A C6     1 
ATOM   51  H "H5'"  . DC  A 1 2  ? -10.792 -12.147 9.909   1.00 0.00 ? 2  DC  A "H5'"  1 
ATOM   52  H "H5''" . DC  A 1 2  ? -11.098 -12.386 8.184   1.00 0.00 ? 2  DC  A "H5''" 1 
ATOM   53  H "H4'"  . DC  A 1 2  ? -12.094 -10.323 9.030   1.00 0.00 ? 2  DC  A "H4'"  1 
ATOM   54  H "H3'"  . DC  A 1 2  ? -10.240 -10.302 6.773   1.00 0.00 ? 2  DC  A "H3'"  1 
ATOM   55  H "H2'"  . DC  A 1 2  ? -9.148  -8.399  7.421   1.00 0.00 ? 2  DC  A "H2'"  1 
ATOM   56  H "H2''" . DC  A 1 2  ? -10.667 -7.516  7.204   1.00 0.00 ? 2  DC  A "H2''" 1 
ATOM   57  H "H1'"  . DC  A 1 2  ? -11.308 -7.676  9.429   1.00 0.00 ? 2  DC  A "H1'"  1 
ATOM   58  H H41    . DC  A 1 2  ? -5.368  -5.652  11.582  1.00 0.00 ? 2  DC  A H41    1 
ATOM   59  H H42    . DC  A 1 2  ? -6.595  -4.561  12.196  1.00 0.00 ? 2  DC  A H42    1 
ATOM   60  H H5     . DC  A 1 2  ? -5.917  -7.632  10.304  1.00 0.00 ? 2  DC  A H5     1 
ATOM   61  H H6     . DC  A 1 2  ? -7.779  -8.849  9.233   1.00 0.00 ? 2  DC  A H6     1 
ATOM   62  P P      . DT  A 1 3  ? -12.389 -9.041  5.326   1.00 0.00 ? 3  DT  A P      1 
ATOM   63  O OP1    . DT  A 1 3  ? -13.705 -9.556  4.891   1.00 0.00 ? 3  DT  A OP1    1 
ATOM   64  O OP2    . DT  A 1 3  ? -11.172 -9.359  4.556   1.00 0.00 ? 3  DT  A OP2    1 
ATOM   65  O "O5'"  . DT  A 1 3  ? -12.492 -7.448  5.490   1.00 0.00 ? 3  DT  A "O5'"  1 
ATOM   66  C "C5'"  . DT  A 1 3  ? -13.631 -6.873  6.108   1.00 0.00 ? 3  DT  A "C5'"  1 
ATOM   67  C "C4'"  . DT  A 1 3  ? -13.464 -5.379  6.424   1.00 0.00 ? 3  DT  A "C4'"  1 
ATOM   68  O "O4'"  . DT  A 1 3  ? -12.378 -5.164  7.316   1.00 0.00 ? 3  DT  A "O4'"  1 
ATOM   69  C "C3'"  . DT  A 1 3  ? -13.277 -4.472  5.196   1.00 0.00 ? 3  DT  A "C3'"  1 
ATOM   70  O "O3'"  . DT  A 1 3  ? -14.360 -3.551  5.153   1.00 0.00 ? 3  DT  A "O3'"  1 
ATOM   71  C "C2'"  . DT  A 1 3  ? -11.941 -3.779  5.480   1.00 0.00 ? 3  DT  A "C2'"  1 
ATOM   72  C "C1'"  . DT  A 1 3  ? -11.799 -3.911  7.002   1.00 0.00 ? 3  DT  A "C1'"  1 
ATOM   73  N N1     . DT  A 1 3  ? -10.386 -3.878  7.471   1.00 0.00 ? 3  DT  A N1     1 
ATOM   74  C C2     . DT  A 1 3  ? -10.007 -2.890  8.392   1.00 0.00 ? 3  DT  A C2     1 
ATOM   75  O O2     . DT  A 1 3  ? -10.789 -2.071  8.865   1.00 0.00 ? 3  DT  A O2     1 
ATOM   76  N N3     . DT  A 1 3  ? -8.689  -2.889  8.795   1.00 0.00 ? 3  DT  A N3     1 
ATOM   77  C C4     . DT  A 1 3  ? -7.729  -3.785  8.383   1.00 0.00 ? 3  DT  A C4     1 
ATOM   78  O O4     . DT  A 1 3  ? -6.598  -3.710  8.855   1.00 0.00 ? 3  DT  A O4     1 
ATOM   79  C C5     . DT  A 1 3  ? -8.184  -4.785  7.419   1.00 0.00 ? 3  DT  A C5     1 
ATOM   80  C C7     . DT  A 1 3  ? -7.208  -5.811  6.869   1.00 0.00 ? 3  DT  A C7     1 
ATOM   81  C C6     . DT  A 1 3  ? -9.477  -4.805  7.004   1.00 0.00 ? 3  DT  A C6     1 
ATOM   82  H "H5'"  . DT  A 1 3  ? -13.825 -7.399  7.042   1.00 0.00 ? 3  DT  A "H5'"  1 
ATOM   83  H "H5''" . DT  A 1 3  ? -14.491 -7.007  5.450   1.00 0.00 ? 3  DT  A "H5''" 1 
ATOM   84  H "H4'"  . DT  A 1 3  ? -14.375 -5.050  6.922   1.00 0.00 ? 3  DT  A "H4'"  1 
ATOM   85  H "H3'"  . DT  A 1 3  ? -13.224 -5.059  4.276   1.00 0.00 ? 3  DT  A "H3'"  1 
ATOM   86  H "H2'"  . DT  A 1 3  ? -11.148 -4.301  4.949   1.00 0.00 ? 3  DT  A "H2'"  1 
ATOM   87  H "H2''" . DT  A 1 3  ? -11.949 -2.733  5.183   1.00 0.00 ? 3  DT  A "H2''" 1 
ATOM   88  H "H1'"  . DT  A 1 3  ? -12.379 -3.109  7.470   1.00 0.00 ? 3  DT  A "H1'"  1 
ATOM   89  H H3     . DT  A 1 3  ? -8.388  -2.128  9.392   1.00 0.00 ? 3  DT  A H3     1 
ATOM   90  H H71    . DT  A 1 3  ? -6.435  -5.290  6.307   1.00 0.00 ? 3  DT  A H71    1 
ATOM   91  H H72    . DT  A 1 3  ? -6.729  -6.335  7.693   1.00 0.00 ? 3  DT  A H72    1 
ATOM   92  H H73    . DT  A 1 3  ? -7.710  -6.526  6.219   1.00 0.00 ? 3  DT  A H73    1 
ATOM   93  H H6     . DT  A 1 3  ? -9.814  -5.551  6.296   1.00 0.00 ? 3  DT  A H6     1 
ATOM   94  P P      . DA  A 1 4  ? -14.688 -2.656  3.852   1.00 0.00 ? 4  DA  A P      1 
ATOM   95  O OP1    . DA  A 1 4  ? -16.092 -2.205  3.978   1.00 0.00 ? 4  DA  A OP1    1 
ATOM   96  O OP2    . DA  A 1 4  ? -14.265 -3.407  2.651   1.00 0.00 ? 4  DA  A OP2    1 
ATOM   97  O "O5'"  . DA  A 1 4  ? -13.722 -1.385  4.041   1.00 0.00 ? 4  DA  A "O5'"  1 
ATOM   98  C "C5'"  . DA  A 1 4  ? -14.008 -0.410  5.033   1.00 0.00 ? 4  DA  A "C5'"  1 
ATOM   99  C "C4'"  . DA  A 1 4  ? -12.891 0.631   5.224   1.00 0.00 ? 4  DA  A "C4'"  1 
ATOM   100 O "O4'"  . DA  A 1 4  ? -11.750 0.046   5.835   1.00 0.00 ? 4  DA  A "O4'"  1 
ATOM   101 C "C3'"  . DA  A 1 4  ? -12.434 1.355   3.940   1.00 0.00 ? 4  DA  A "C3'"  1 
ATOM   102 O "O3'"  . DA  A 1 4  ? -12.750 2.740   4.058   1.00 0.00 ? 4  DA  A "O3'"  1 
ATOM   103 C "C2'"  . DA  A 1 4  ? -10.923 1.079   3.926   1.00 0.00 ? 4  DA  A "C2'"  1 
ATOM   104 C "C1'"  . DA  A 1 4  ? -10.617 0.770   5.396   1.00 0.00 ? 4  DA  A "C1'"  1 
ATOM   105 N N9     . DA  A 1 4  ? -9.401  -0.051  5.588   1.00 0.00 ? 4  DA  A N9     1 
ATOM   106 C C8     . DA  A 1 4  ? -9.171  -1.342  5.180   1.00 0.00 ? 4  DA  A C8     1 
ATOM   107 N N7     . DA  A 1 4  ? -8.017  -1.835  5.545   1.00 0.00 ? 4  DA  A N7     1 
ATOM   108 C C5     . DA  A 1 4  ? -7.423  -0.751  6.224   1.00 0.00 ? 4  DA  A C5     1 
ATOM   109 C C6     . DA  A 1 4  ? -6.188  -0.526  6.882   1.00 0.00 ? 4  DA  A C6     1 
ATOM   110 N N6     . DA  A 1 4  ? -5.225  -1.417  7.005   1.00 0.00 ? 4  DA  A N6     1 
ATOM   111 N N1     . DA  A 1 4  ? -5.910  0.643   7.459   1.00 0.00 ? 4  DA  A N1     1 
ATOM   112 C C2     . DA  A 1 4  ? -6.829  1.597   7.406   1.00 0.00 ? 4  DA  A C2     1 
ATOM   113 N N3     . DA  A 1 4  ? -8.031  1.538   6.843   1.00 0.00 ? 4  DA  A N3     1 
ATOM   114 C C4     . DA  A 1 4  ? -8.262  0.331   6.258   1.00 0.00 ? 4  DA  A C4     1 
ATOM   115 H "H5'"  . DA  A 1 4  ? -14.169 -0.915  5.987   1.00 0.00 ? 4  DA  A "H5'"  1 
ATOM   116 H "H5''" . DA  A 1 4  ? -14.926 0.110   4.755   1.00 0.00 ? 4  DA  A "H5''" 1 
ATOM   117 H "H4'"  . DA  A 1 4  ? -13.267 1.395   5.903   1.00 0.00 ? 4  DA  A "H4'"  1 
ATOM   118 H "H3'"  . DA  A 1 4  ? -12.913 0.923   3.057   1.00 0.00 ? 4  DA  A "H3'"  1 
ATOM   119 H "H2'"  . DA  A 1 4  ? -10.724 0.211   3.301   1.00 0.00 ? 4  DA  A "H2'"  1 
ATOM   120 H "H2''" . DA  A 1 4  ? -10.352 1.933   3.573   1.00 0.00 ? 4  DA  A "H2''" 1 
ATOM   121 H "H1'"  . DA  A 1 4  ? -10.520 1.709   5.952   1.00 0.00 ? 4  DA  A "H1'"  1 
ATOM   122 H H8     . DA  A 1 4  ? -9.906  -1.903  4.619   1.00 0.00 ? 4  DA  A H8     1 
ATOM   123 H H61    . DA  A 1 4  ? -5.338  -2.311  6.571   1.00 0.00 ? 4  DA  A H61    1 
ATOM   124 H H62    . DA  A 1 4  ? -4.383  -1.160  7.503   1.00 0.00 ? 4  DA  A H62    1 
ATOM   125 H H2     . DA  A 1 4  ? -6.569  2.535   7.881   1.00 0.00 ? 4  DA  A H2     1 
ATOM   126 P P      . DG  A 1 5  ? -12.579 3.792   2.844   1.00 0.00 ? 5  DG  A P      1 
ATOM   127 O OP1    . DG  A 1 5  ? -13.570 4.873   3.043   1.00 0.00 ? 5  DG  A OP1    1 
ATOM   128 O OP2    . DG  A 1 5  ? -12.562 3.046   1.567   1.00 0.00 ? 5  DG  A OP2    1 
ATOM   129 O "O5'"  . DG  A 1 5  ? -11.107 4.402   3.096   1.00 0.00 ? 5  DG  A "O5'"  1 
ATOM   130 C "C5'"  . DG  A 1 5  ? -10.854 5.253   4.209   1.00 0.00 ? 5  DG  A "C5'"  1 
ATOM   131 C "C4'"  . DG  A 1 5  ? -9.393  5.733   4.317   1.00 0.00 ? 5  DG  A "C4'"  1 
ATOM   132 O "O4'"  . DG  A 1 5  ? -8.562  4.662   4.748   1.00 0.00 ? 5  DG  A "O4'"  1 
ATOM   133 C "C3'"  . DG  A 1 5  ? -8.797  6.323   3.021   1.00 0.00 ? 5  DG  A "C3'"  1 
ATOM   134 O "O3'"  . DG  A 1 5  ? -8.270  7.620   3.289   1.00 0.00 ? 5  DG  A "O3'"  1 
ATOM   135 C "C2'"  . DG  A 1 5  ? -7.733  5.276   2.676   1.00 0.00 ? 5  DG  A "C2'"  1 
ATOM   136 C "C1'"  . DG  A 1 5  ? -7.332  4.746   4.054   1.00 0.00 ? 5  DG  A "C1'"  1 
ATOM   137 N N9     . DG  A 1 5  ? -6.688  3.414   3.993   1.00 0.00 ? 5  DG  A N9     1 
ATOM   138 C C8     . DG  A 1 5  ? -7.167  2.264   3.421   1.00 0.00 ? 5  DG  A C8     1 
ATOM   139 N N7     . DG  A 1 5  ? -6.339  1.253   3.460   1.00 0.00 ? 5  DG  A N7     1 
ATOM   140 C C5     . DG  A 1 5  ? -5.229  1.766   4.155   1.00 0.00 ? 5  DG  A C5     1 
ATOM   141 C C6     . DG  A 1 5  ? -3.978  1.171   4.553   1.00 0.00 ? 5  DG  A C6     1 
ATOM   142 O O6     . DG  A 1 5  ? -3.571  0.022   4.387   1.00 0.00 ? 5  DG  A O6     1 
ATOM   143 N N1     . DG  A 1 5  ? -3.131  2.045   5.204   1.00 0.00 ? 5  DG  A N1     1 
ATOM   144 C C2     . DG  A 1 5  ? -3.425  3.345   5.437   1.00 0.00 ? 5  DG  A C2     1 
ATOM   145 N N2     . DG  A 1 5  ? -2.488  4.086   5.961   1.00 0.00 ? 5  DG  A N2     1 
ATOM   146 N N3     . DG  A 1 5  ? -4.561  3.941   5.089   1.00 0.00 ? 5  DG  A N3     1 
ATOM   147 C C4     . DG  A 1 5  ? -5.435  3.095   4.465   1.00 0.00 ? 5  DG  A C4     1 
ATOM   148 H "H5'"  . DG  A 1 5  ? -11.107 4.721   5.126   1.00 0.00 ? 5  DG  A "H5'"  1 
ATOM   149 H "H5''" . DG  A 1 5  ? -11.499 6.129   4.132   1.00 0.00 ? 5  DG  A "H5''" 1 
ATOM   150 H "H4'"  . DG  A 1 5  ? -9.350  6.509   5.082   1.00 0.00 ? 5  DG  A "H4'"  1 
ATOM   151 H "H3'"  . DG  A 1 5  ? -9.546  6.381   2.230   1.00 0.00 ? 5  DG  A "H3'"  1 
ATOM   152 H "H2'"  . DG  A 1 5  ? -8.200  4.492   2.083   1.00 0.00 ? 5  DG  A "H2'"  1 
ATOM   153 H "H2''" . DG  A 1 5  ? -6.889  5.691   2.134   1.00 0.00 ? 5  DG  A "H2''" 1 
ATOM   154 H "H1'"  . DG  A 1 5  ? -6.664  5.461   4.543   1.00 0.00 ? 5  DG  A "H1'"  1 
ATOM   155 H H8     . DG  A 1 5  ? -8.149  2.215   2.975   1.00 0.00 ? 5  DG  A H8     1 
ATOM   156 H H1     . DG  A 1 5  ? -2.239  1.689   5.510   1.00 0.00 ? 5  DG  A H1     1 
ATOM   157 H H21    . DG  A 1 5  ? -2.718  5.049   6.113   1.00 0.00 ? 5  DG  A H21    1 
ATOM   158 H H22    . DG  A 1 5  ? -1.598  3.685   6.247   1.00 0.00 ? 5  DG  A H22    1 
ATOM   159 P P      . DC  A 1 6  ? -7.496  8.511   2.185   1.00 0.00 ? 6  DC  A P      1 
ATOM   160 O OP1    . DC  A 1 6  ? -7.855  9.932   2.396   1.00 0.00 ? 6  DC  A OP1    1 
ATOM   161 O OP2    . DC  A 1 6  ? -7.705  7.901   0.855   1.00 0.00 ? 6  DC  A OP2    1 
ATOM   162 O "O5'"  . DC  A 1 6  ? -5.956  8.293   2.619   1.00 0.00 ? 6  DC  A "O5'"  1 
ATOM   163 C "C5'"  . DC  A 1 6  ? -5.511  8.712   3.909   1.00 0.00 ? 6  DC  A "C5'"  1 
ATOM   164 C "C4'"  . DC  A 1 6  ? -4.012  8.473   4.203   1.00 0.00 ? 6  DC  A "C4'"  1 
ATOM   165 O "O4'"  . DC  A 1 6  ? -3.705  7.086   4.161   1.00 0.00 ? 6  DC  A "O4'"  1 
ATOM   166 C "C3'"  . DC  A 1 6  ? -3.018  9.186   3.271   1.00 0.00 ? 6  DC  A "C3'"  1 
ATOM   167 O "O3'"  . DC  A 1 6  ? -1.951  9.676   4.068   1.00 0.00 ? 6  DC  A "O3'"  1 
ATOM   168 C "C2'"  . DC  A 1 6  ? -2.566  8.057   2.343   1.00 0.00 ? 6  DC  A "C2'"  1 
ATOM   169 C "C1'"  . DC  A 1 6  ? -2.573  6.882   3.324   1.00 0.00 ? 6  DC  A "C1'"  1 
ATOM   170 N N1     . DC  A 1 6  ? -2.686  5.558   2.657   1.00 0.00 ? 6  DC  A N1     1 
ATOM   171 C C2     . DC  A 1 6  ? -1.640  4.635   2.765   1.00 0.00 ? 6  DC  A C2     1 
ATOM   172 O O2     . DC  A 1 6  ? -0.564  4.917   3.286   1.00 0.00 ? 6  DC  A O2     1 
ATOM   173 N N3     . DC  A 1 6  ? -1.789  3.373   2.295   1.00 0.00 ? 6  DC  A N3     1 
ATOM   174 C C4     . DC  A 1 6  ? -2.926  3.039   1.729   1.00 0.00 ? 6  DC  A C4     1 
ATOM   175 N N4     . DC  A 1 6  ? -3.063  1.783   1.423   1.00 0.00 ? 6  DC  A N4     1 
ATOM   176 C C5     . DC  A 1 6  ? -4.013  3.941   1.548   1.00 0.00 ? 6  DC  A C5     1 
ATOM   177 C C6     . DC  A 1 6  ? -3.855  5.201   2.030   1.00 0.00 ? 6  DC  A C6     1 
ATOM   178 H "H5'"  . DC  A 1 6  ? -6.085  8.180   4.671   1.00 0.00 ? 6  DC  A "H5'"  1 
ATOM   179 H "H5''" . DC  A 1 6  ? -5.721  9.777   4.024   1.00 0.00 ? 6  DC  A "H5''" 1 
ATOM   180 H "H4'"  . DC  A 1 6  ? -3.821  8.831   5.214   1.00 0.00 ? 6  DC  A "H4'"  1 
ATOM   181 H "H3'"  . DC  A 1 6  ? -3.492  10.001  2.723   1.00 0.00 ? 6  DC  A "H3'"  1 
ATOM   182 H "H2'"  . DC  A 1 6  ? -3.291  7.921   1.544   1.00 0.00 ? 6  DC  A "H2'"  1 
ATOM   183 H "H2''" . DC  A 1 6  ? -1.575  8.223   1.927   1.00 0.00 ? 6  DC  A "H2''" 1 
ATOM   184 H "H1'"  . DC  A 1 6  ? -1.662  6.935   3.932   1.00 0.00 ? 6  DC  A "H1'"  1 
ATOM   185 H H41    . DC  A 1 6  ? -3.965  1.426   1.197   1.00 0.00 ? 6  DC  A H41    1 
ATOM   186 H H42    . DC  A 1 6  ? -2.301  1.169   1.706   1.00 0.00 ? 6  DC  A H42    1 
ATOM   187 H H5     . DC  A 1 6  ? -4.944  3.644   1.097   1.00 0.00 ? 6  DC  A H5     1 
ATOM   188 H H6     . DC  A 1 6  ? -4.652  5.936   1.977   1.00 0.00 ? 6  DC  A H6     1 
ATOM   189 P P      . DG  A 1 7  ? -0.862  10.711  3.506   1.00 0.00 ? 7  DG  A P      1 
ATOM   190 O OP1    . DG  A 1 7  ? -0.271  11.423  4.662   1.00 0.00 ? 7  DG  A OP1    1 
ATOM   191 O OP2    . DG  A 1 7  ? -1.495  11.486  2.413   1.00 0.00 ? 7  DG  A OP2    1 
ATOM   192 O "O5'"  . DG  A 1 7  ? 0.249   9.721   2.879   1.00 0.00 ? 7  DG  A "O5'"  1 
ATOM   193 C "C5'"  . DG  A 1 7  ? 1.079   8.935   3.729   1.00 0.00 ? 7  DG  A "C5'"  1 
ATOM   194 C "C4'"  . DG  A 1 7  ? 2.139   8.099   2.986   1.00 0.00 ? 7  DG  A "C4'"  1 
ATOM   195 O "O4'"  . DG  A 1 7  ? 1.593   6.924   2.406   1.00 0.00 ? 7  DG  A "O4'"  1 
ATOM   196 C "C3'"  . DG  A 1 7  ? 2.898   8.846   1.873   1.00 0.00 ? 7  DG  A "C3'"  1 
ATOM   197 O "O3'"  . DG  A 1 7  ? 4.200   9.208   2.323   1.00 0.00 ? 7  DG  A "O3'"  1 
ATOM   198 C "C2'"  . DG  A 1 7  ? 2.928   7.810   0.733   1.00 0.00 ? 7  DG  A "C2'"  1 
ATOM   199 C "C1'"  . DG  A 1 7  ? 2.479   6.496   1.393   1.00 0.00 ? 7  DG  A "C1'"  1 
ATOM   200 N N9     . DG  A 1 7  ? 1.799   5.535   0.482   1.00 0.00 ? 7  DG  A N9     1 
ATOM   201 C C8     . DG  A 1 7  ? 0.667   5.738   -0.266  1.00 0.00 ? 7  DG  A C8     1 
ATOM   202 N N7     . DG  A 1 7  ? 0.290   4.705   -0.971  1.00 0.00 ? 7  DG  A N7     1 
ATOM   203 C C5     . DG  A 1 7  ? 1.239   3.718   -0.649  1.00 0.00 ? 7  DG  A C5     1 
ATOM   204 C C6     . DG  A 1 7  ? 1.374   2.348   -1.082  1.00 0.00 ? 7  DG  A C6     1 
ATOM   205 O O6     . DG  A 1 7  ? 0.640   1.749   -1.874  1.00 0.00 ? 7  DG  A O6     1 
ATOM   206 N N1     . DG  A 1 7  ? 2.479   1.680   -0.530  1.00 0.00 ? 7  DG  A N1     1 
ATOM   207 C C2     . DG  A 1 7  ? 3.334   2.304   0.356   1.00 0.00 ? 7  DG  A C2     1 
ATOM   208 N N2     . DG  A 1 7  ? 4.404   1.679   0.810   1.00 0.00 ? 7  DG  A N2     1 
ATOM   209 N N3     . DG  A 1 7  ? 3.247   3.577   0.751   1.00 0.00 ? 7  DG  A N3     1 
ATOM   210 C C4     . DG  A 1 7  ? 2.170   4.230   0.230   1.00 0.00 ? 7  DG  A C4     1 
ATOM   211 H "H5'"  . DG  A 1 7  ? 0.458   8.262   4.324   1.00 0.00 ? 7  DG  A "H5'"  1 
ATOM   212 H "H5''" . DG  A 1 7  ? 1.604   9.610   4.405   1.00 0.00 ? 7  DG  A "H5''" 1 
ATOM   213 H "H4'"  . DG  A 1 7  ? 2.876   7.783   3.725   1.00 0.00 ? 7  DG  A "H4'"  1 
ATOM   214 H "H3'"  . DG  A 1 7  ? 2.338   9.734   1.570   1.00 0.00 ? 7  DG  A "H3'"  1 
ATOM   215 H "H2'"  . DG  A 1 7  ? 2.229   8.118   -0.041  1.00 0.00 ? 7  DG  A "H2'"  1 
ATOM   216 H "H2''" . DG  A 1 7  ? 3.924   7.706   0.313   1.00 0.00 ? 7  DG  A "H2''" 1 
ATOM   217 H "H1'"  . DG  A 1 7  ? 3.347   6.007   1.841   1.00 0.00 ? 7  DG  A "H1'"  1 
ATOM   218 H H8     . DG  A 1 7  ? 0.130   6.675   -0.255  1.00 0.00 ? 7  DG  A H8     1 
ATOM   219 H H22    . DG  A 1 7  ? 4.973   2.202   1.452   1.00 0.00 ? 7  DG  A H22    1 
ATOM   220 P P      . DA  A 1 8  ? 5.158   10.216  1.496   1.00 0.00 ? 8  DA  A P      1 
ATOM   221 O OP1    . DA  A 1 8  ? 6.075   10.884  2.447   1.00 0.00 ? 8  DA  A OP1    1 
ATOM   222 O OP2    . DA  A 1 8  ? 4.334   11.028  0.575   1.00 0.00 ? 8  DA  A OP2    1 
ATOM   223 O "O5'"  . DA  A 1 8  ? 6.021   9.190   0.611   1.00 0.00 ? 8  DA  A "O5'"  1 
ATOM   224 C "C5'"  . DA  A 1 8  ? 6.997   8.354   1.217   1.00 0.00 ? 8  DA  A "C5'"  1 
ATOM   225 C "C4'"  . DA  A 1 8  ? 7.742   7.466   0.203   1.00 0.00 ? 8  DA  A "C4'"  1 
ATOM   226 O "O4'"  . DA  A 1 8  ? 6.895   6.406   -0.226  1.00 0.00 ? 8  DA  A "O4'"  1 
ATOM   227 C "C3'"  . DA  A 1 8  ? 8.237   8.238   -1.036  1.00 0.00 ? 8  DA  A "C3'"  1 
ATOM   228 O "O3'"  . DA  A 1 8  ? 9.591   7.897   -1.323  1.00 0.00 ? 8  DA  A "O3'"  1 
ATOM   229 C "C2'"  . DA  A 1 8  ? 7.268   7.743   -2.113  1.00 0.00 ? 8  DA  A "C2'"  1 
ATOM   230 C "C1'"  . DA  A 1 8  ? 6.967   6.316   -1.634  1.00 0.00 ? 8  DA  A "C1'"  1 
ATOM   231 N N9     . DA  A 1 8  ? 5.698   5.755   -2.155  1.00 0.00 ? 8  DA  A N9     1 
ATOM   232 C C8     . DA  A 1 8  ? 4.477   6.374   -2.298  1.00 0.00 ? 8  DA  A C8     1 
ATOM   233 N N7     . DA  A 1 8  ? 3.551   5.631   -2.844  1.00 0.00 ? 8  DA  A N7     1 
ATOM   234 C C5     . DA  A 1 8  ? 4.221   4.416   -3.073  1.00 0.00 ? 8  DA  A C5     1 
ATOM   235 C C6     . DA  A 1 8  ? 3.873   3.172   -3.653  1.00 0.00 ? 8  DA  A C6     1 
ATOM   236 N N6     . DA  A 1 8  ? 2.688   2.869   -4.143  1.00 0.00 ? 8  DA  A N6     1 
ATOM   237 N N1     . DA  A 1 8  ? 4.753   2.174   -3.734  1.00 0.00 ? 8  DA  A N1     1 
ATOM   238 C C2     . DA  A 1 8  ? 5.968   2.377   -3.248  1.00 0.00 ? 8  DA  A C2     1 
ATOM   239 N N3     . DA  A 1 8  ? 6.450   3.480   -2.684  1.00 0.00 ? 8  DA  A N3     1 
ATOM   240 C C4     . DA  A 1 8  ? 5.517   4.475   -2.632  1.00 0.00 ? 8  DA  A C4     1 
ATOM   241 H "H5'"  . DA  A 1 8  ? 6.515   7.715   1.958   1.00 0.00 ? 8  DA  A "H5'"  1 
ATOM   242 H "H5''" . DA  A 1 8  ? 7.727   8.983   1.728   1.00 0.00 ? 8  DA  A "H5''" 1 
ATOM   243 H "H4'"  . DA  A 1 8  ? 8.611   7.035   0.699   1.00 0.00 ? 8  DA  A "H4'"  1 
ATOM   244 H "H3'"  . DA  A 1 8  ? 8.133   9.314   -0.881  1.00 0.00 ? 8  DA  A "H3'"  1 
ATOM   245 H "H2'"  . DA  A 1 8  ? 6.375   8.363   -2.089  1.00 0.00 ? 8  DA  A "H2'"  1 
ATOM   246 H "H2''" . DA  A 1 8  ? 7.709   7.756   -3.106  1.00 0.00 ? 8  DA  A "H2''" 1 
ATOM   247 H "H1'"  . DA  A 1 8  ? 7.803   5.667   -1.915  1.00 0.00 ? 8  DA  A "H1'"  1 
ATOM   248 H H8     . DA  A 1 8  ? 4.305   7.395   -1.983  1.00 0.00 ? 8  DA  A H8     1 
ATOM   249 H H61    . DA  A 1 8  ? 1.934   3.521   -4.014  1.00 0.00 ? 8  DA  A H61    1 
ATOM   250 H H62    . DA  A 1 8  ? 2.529   1.940   -4.516  1.00 0.00 ? 8  DA  A H62    1 
ATOM   251 H H2     . DA  A 1 8  ? 6.652   1.542   -3.323  1.00 0.00 ? 8  DA  A H2     1 
ATOM   252 P P      . DG  A 1 9  ? 10.545  8.854   -2.205  1.00 0.00 ? 9  DG  A P      1 
ATOM   253 O OP1    . DG  A 1 9  ? 11.949  8.469   -1.950  1.00 0.00 ? 9  DG  A OP1    1 
ATOM   254 O OP2    . DG  A 1 9  ? 10.144  10.263  -2.004  1.00 0.00 ? 9  DG  A OP2    1 
ATOM   255 O "O5'"  . DG  A 1 9  ? 10.176  8.465   -3.727  1.00 0.00 ? 9  DG  A "O5'"  1 
ATOM   256 C "C5'"  . DG  A 1 9  ? 10.883  7.473   -4.462  1.00 0.00 ? 9  DG  A "C5'"  1 
ATOM   257 C "C4'"  . DG  A 1 9  ? 10.534  6.013   -4.114  1.00 0.00 ? 9  DG  A "C4'"  1 
ATOM   258 O "O4'"  . DG  A 1 9  ? 9.141   5.785   -4.278  1.00 0.00 ? 9  DG  A "O4'"  1 
ATOM   259 C "C3'"  . DG  A 1 9  ? 11.246  5.083   -5.118  1.00 0.00 ? 9  DG  A "C3'"  1 
ATOM   260 O "O3'"  . DG  A 1 9  ? 12.342  4.386   -4.547  1.00 0.00 ? 9  DG  A "O3'"  1 
ATOM   261 C "C2'"  . DG  A 1 9  ? 10.141  4.141   -5.608  1.00 0.00 ? 9  DG  A "C2'"  1 
ATOM   262 C "C1'"  . DG  A 1 9  ? 8.910   4.471   -4.762  1.00 0.00 ? 9  DG  A "C1'"  1 
ATOM   263 N N9     . DG  A 1 9  ? 7.655   4.453   -5.559  1.00 0.00 ? 9  DG  A N9     1 
ATOM   264 C C8     . DG  A 1 9  ? 6.839   5.518   -5.846  1.00 0.00 ? 9  DG  A C8     1 
ATOM   265 N N7     . DG  A 1 9  ? 5.764   5.216   -6.520  1.00 0.00 ? 9  DG  A N7     1 
ATOM   266 C C5     . DG  A 1 9  ? 5.856   3.825   -6.682  1.00 0.00 ? 9  DG  A C5     1 
ATOM   267 C C6     . DG  A 1 9  ? 4.972   2.871   -7.306  1.00 0.00 ? 9  DG  A C6     1 
ATOM   268 O O6     . DG  A 1 9  ? 3.899   3.052   -7.884  1.00 0.00 ? 9  DG  A O6     1 
ATOM   269 N N1     . DG  A 1 9  ? 5.425   1.570   -7.227  1.00 0.00 ? 9  DG  A N1     1 
ATOM   270 C C2     . DG  A 1 9  ? 6.592   1.212   -6.643  1.00 0.00 ? 9  DG  A C2     1 
ATOM   271 N N2     . DG  A 1 9  ? 6.898   -0.056  -6.660  1.00 0.00 ? 9  DG  A N2     1 
ATOM   272 N N3     . DG  A 1 9  ? 7.458   2.055   -6.083  1.00 0.00 ? 9  DG  A N3     1 
ATOM   273 C C4     . DG  A 1 9  ? 7.026   3.355   -6.116  1.00 0.00 ? 9  DG  A C4     1 
ATOM   274 H "H5'"  . DG  A 1 9  ? 11.956  7.615   -4.322  1.00 0.00 ? 9  DG  A "H5'"  1 
ATOM   275 H "H5''" . DG  A 1 9  ? 10.657  7.629   -5.515  1.00 0.00 ? 9  DG  A "H5''" 1 
ATOM   276 H "H4'"  . DG  A 1 9  ? 10.848  5.775   -3.096  1.00 0.00 ? 9  DG  A "H4'"  1 
ATOM   277 H "H3'"  . DG  A 1 9  ? 11.597  5.678   -5.962  1.00 0.00 ? 9  DG  A "H3'"  1 
ATOM   278 H "H2'"  . DG  A 1 9  ? 9.938   4.361   -6.648  1.00 0.00 ? 9  DG  A "H2'"  1 
ATOM   279 H "H2''" . DG  A 1 9  ? 10.412  3.092   -5.503  1.00 0.00 ? 9  DG  A "H2''" 1 
ATOM   280 H "H1'"  . DG  A 1 9  ? 8.832   3.766   -3.930  1.00 0.00 ? 9  DG  A "H1'"  1 
ATOM   281 H H8     . DG  A 1 9  ? 7.078   6.524   -5.526  1.00 0.00 ? 9  DG  A H8     1 
ATOM   282 H H1     . DG  A 1 9  ? 4.832   0.852   -7.616  1.00 0.00 ? 9  DG  A H1     1 
ATOM   283 H H21    . DG  A 1 9  ? 7.750   -0.332  -6.211  1.00 0.00 ? 9  DG  A H21    1 
ATOM   284 H H22    . DG  A 1 9  ? 6.278   -0.739  -7.097  1.00 0.00 ? 9  DG  A H22    1 
ATOM   285 P P      . DT  A 1 10 ? 13.600  3.922   -5.448  1.00 0.00 ? 10 DT  A P      1 
ATOM   286 O OP1    . DT  A 1 10 ? 14.687  3.474   -4.551  1.00 0.00 ? 10 DT  A OP1    1 
ATOM   287 O OP2    . DT  A 1 10 ? 13.867  4.971   -6.459  1.00 0.00 ? 10 DT  A OP2    1 
ATOM   288 O "O5'"  . DT  A 1 10 ? 13.024  2.635   -6.224  1.00 0.00 ? 10 DT  A "O5'"  1 
ATOM   289 C "C5'"  . DT  A 1 10 ? 12.799  1.409   -5.540  1.00 0.00 ? 10 DT  A "C5'"  1 
ATOM   290 C "C4'"  . DT  A 1 10 ? 12.261  0.305   -6.470  1.00 0.00 ? 10 DT  A "C4'"  1 
ATOM   291 O "O4'"  . DT  A 1 10 ? 10.939  0.630   -6.888  1.00 0.00 ? 10 DT  A "O4'"  1 
ATOM   292 C "C3'"  . DT  A 1 10 ? 13.130  0.092   -7.723  1.00 0.00 ? 10 DT  A "C3'"  1 
ATOM   293 O "O3'"  . DT  A 1 10 ? 13.381  -1.294  -7.930  1.00 0.00 ? 10 DT  A "O3'"  1 
ATOM   294 C "C2'"  . DT  A 1 10 ? 12.251  0.694   -8.813  1.00 0.00 ? 10 DT  A "C2'"  1 
ATOM   295 C "C1'"  . DT  A 1 10 ? 10.838  0.422   -8.284  1.00 0.00 ? 10 DT  A "C1'"  1 
ATOM   296 N N1     . DT  A 1 10 ? 9.796   1.322   -8.857  1.00 0.00 ? 10 DT  A N1     1 
ATOM   297 C C2     . DT  A 1 10 ? 8.676   0.740   -9.466  1.00 0.00 ? 10 DT  A C2     1 
ATOM   298 O O2     . DT  A 1 10 ? 8.558   -0.460  -9.675  1.00 0.00 ? 10 DT  A O2     1 
ATOM   299 N N3     . DT  A 1 10 ? 7.692   1.597   -9.899  1.00 0.00 ? 10 DT  A N3     1 
ATOM   300 C C4     . DT  A 1 10 ? 7.738   2.966   -9.850  1.00 0.00 ? 10 DT  A C4     1 
ATOM   301 O O4     . DT  A 1 10 ? 6.786   3.611   -10.282 1.00 0.00 ? 10 DT  A O4     1 
ATOM   302 C C5     . DT  A 1 10 ? 8.968   3.521   -9.289  1.00 0.00 ? 10 DT  A C5     1 
ATOM   303 C C7     . DT  A 1 10 ? 9.157   5.030   -9.249  1.00 0.00 ? 10 DT  A C7     1 
ATOM   304 C C6     . DT  A 1 10 ? 9.936   2.698   -8.800  1.00 0.00 ? 10 DT  A C6     1 
ATOM   305 H "H5'"  . DT  A 1 10 ? 12.085  1.569   -4.731  1.00 0.00 ? 10 DT  A "H5'"  1 
ATOM   306 H "H5''" . DT  A 1 10 ? 13.739  1.069   -5.104  1.00 0.00 ? 10 DT  A "H5''" 1 
ATOM   307 H "H4'"  . DT  A 1 10 ? 12.230  -0.631  -5.914  1.00 0.00 ? 10 DT  A "H4'"  1 
ATOM   308 H "H3'"  . DT  A 1 10 ? 14.073  0.638   -7.643  1.00 0.00 ? 10 DT  A "H3'"  1 
ATOM   309 H "H2'"  . DT  A 1 10 ? 12.462  1.758   -8.888  1.00 0.00 ? 10 DT  A "H2'"  1 
ATOM   310 H "H2''" . DT  A 1 10 ? 12.427  0.217   -9.768  1.00 0.00 ? 10 DT  A "H2''" 1 
ATOM   311 H "H1'"  . DT  A 1 10 ? 10.588  -0.629  -8.475  1.00 0.00 ? 10 DT  A "H1'"  1 
ATOM   312 H H3     . DT  A 1 10 ? 6.876   1.176   -10.320 1.00 0.00 ? 10 DT  A H3     1 
ATOM   313 H H71    . DT  A 1 10 ? 9.115   5.421   -10.265 1.00 0.00 ? 10 DT  A H71    1 
ATOM   314 H H72    . DT  A 1 10 ? 8.337   5.474   -8.684  1.00 0.00 ? 10 DT  A H72    1 
ATOM   315 H H73    . DT  A 1 10 ? 10.108  5.303   -8.794  1.00 0.00 ? 10 DT  A H73    1 
ATOM   316 H H6     . DT  A 1 10 ? 10.821  3.105   -8.326  1.00 0.00 ? 10 DT  A H6     1 
ATOM   317 P P      . DC  A 1 11 ? 14.358  -1.835  -9.097  1.00 0.00 ? 11 DC  A P      1 
ATOM   318 O OP1    . DC  A 1 11 ? 15.082  -3.020  -8.589  1.00 0.00 ? 11 DC  A OP1    1 
ATOM   319 O OP2    . DC  A 1 11 ? 15.116  -0.693  -9.651  1.00 0.00 ? 11 DC  A OP2    1 
ATOM   320 O "O5'"  . DC  A 1 11 ? 13.317  -2.321  -10.229 1.00 0.00 ? 11 DC  A "O5'"  1 
ATOM   321 C "C5'"  . DC  A 1 11 ? 12.477  -3.450  -10.008 1.00 0.00 ? 11 DC  A "C5'"  1 
ATOM   322 C "C4'"  . DC  A 1 11 ? 11.587  -3.807  -11.217 1.00 0.00 ? 11 DC  A "C4'"  1 
ATOM   323 O "O4'"  . DC  A 1 11 ? 10.596  -2.796  -11.356 1.00 0.00 ? 11 DC  A "O4'"  1 
ATOM   324 C "C3'"  . DC  A 1 11 ? 12.349  -3.941  -12.554 1.00 0.00 ? 11 DC  A "C3'"  1 
ATOM   325 O "O3'"  . DC  A 1 11 ? 11.925  -5.094  -13.286 1.00 0.00 ? 11 DC  A "O3'"  1 
ATOM   326 C "C2'"  . DC  A 1 11 ? 11.975  -2.626  -13.241 1.00 0.00 ? 11 DC  A "C2'"  1 
ATOM   327 C "C1'"  . DC  A 1 11 ? 10.564  -2.346  -12.693 1.00 0.00 ? 11 DC  A "C1'"  1 
ATOM   328 N N1     . DC  A 1 11 ? 10.171  -0.907  -12.707 1.00 0.00 ? 11 DC  A N1     1 
ATOM   329 C C2     . DC  A 1 11 ? 8.954   -0.522  -13.286 1.00 0.00 ? 11 DC  A C2     1 
ATOM   330 O O2     . DC  A 1 11 ? 8.210   -1.324  -13.846 1.00 0.00 ? 11 DC  A O2     1 
ATOM   331 N N3     . DC  A 1 11 ? 8.595   0.784   -13.326 1.00 0.00 ? 11 DC  A N3     1 
ATOM   332 C C4     . DC  A 1 11 ? 9.385   1.676   -12.782 1.00 0.00 ? 11 DC  A C4     1 
ATOM   333 N N4     . DC  A 1 11 ? 8.984   2.910   -12.852 1.00 0.00 ? 11 DC  A N4     1 
ATOM   334 C C5     . DC  A 1 11 ? 10.644  1.361   -12.200 1.00 0.00 ? 11 DC  A C5     1 
ATOM   335 C C6     . DC  A 1 11 ? 10.998  0.050   -12.173 1.00 0.00 ? 11 DC  A C6     1 
ATOM   336 H "H5'"  . DC  A 1 11 ? 11.833  -3.249  -9.150  1.00 0.00 ? 11 DC  A "H5'"  1 
ATOM   337 H "H5''" . DC  A 1 11 ? 13.099  -4.313  -9.770  1.00 0.00 ? 11 DC  A "H5''" 1 
ATOM   338 H "H4'"  . DC  A 1 11 ? 11.086  -4.751  -11.008 1.00 0.00 ? 11 DC  A "H4'"  1 
ATOM   339 H "H3'"  . DC  A 1 11 ? 13.425  -3.988  -12.380 1.00 0.00 ? 11 DC  A "H3'"  1 
ATOM   340 H "H2'"  . DC  A 1 11 ? 12.695  -1.871  -12.930 1.00 0.00 ? 11 DC  A "H2'"  1 
ATOM   341 H "H2''" . DC  A 1 11 ? 11.991  -2.703  -14.322 1.00 0.00 ? 11 DC  A "H2''" 1 
ATOM   342 H "H1'"  . DC  A 1 11 ? 9.839   -2.952  -13.248 1.00 0.00 ? 11 DC  A "H1'"  1 
ATOM   343 H H41    . DC  A 1 11 ? 9.454   3.625   -12.344 1.00 0.00 ? 11 DC  A H41    1 
ATOM   344 H H42    . DC  A 1 11 ? 8.049   3.061   -13.234 1.00 0.00 ? 11 DC  A H42    1 
ATOM   345 H H5     . DC  A 1 11 ? 11.289  2.105   -11.762 1.00 0.00 ? 11 DC  A H5     1 
ATOM   346 H H6     . DC  A 1 11 ? 11.927  -0.274  -11.718 1.00 0.00 ? 11 DC  A H6     1 
ATOM   347 P P      . DC  A 1 12 ? 12.536  -5.495  -14.731 1.00 0.00 ? 12 DC  A P      1 
ATOM   348 O OP1    . DC  A 1 12 ? 12.587  -6.968  -14.869 1.00 0.00 ? 12 DC  A OP1    1 
ATOM   349 O OP2    . DC  A 1 12 ? 13.742  -4.690  -15.013 1.00 0.00 ? 12 DC  A OP2    1 
ATOM   350 O "O5'"  . DC  A 1 12 ? 11.381  -4.966  -15.711 1.00 0.00 ? 12 DC  A "O5'"  1 
ATOM   351 C "C5'"  . DC  A 1 12 ? 10.155  -5.670  -15.840 1.00 0.00 ? 12 DC  A "C5'"  1 
ATOM   352 C "C4'"  . DC  A 1 12 ? 9.269   -5.058  -16.937 1.00 0.00 ? 12 DC  A "C4'"  1 
ATOM   353 O "O4'"  . DC  A 1 12 ? 8.613   -3.890  -16.477 1.00 0.00 ? 12 DC  A "O4'"  1 
ATOM   354 C "C3'"  . DC  A 1 12 ? 10.039  -4.658  -18.204 1.00 0.00 ? 12 DC  A "C3'"  1 
ATOM   355 O "O3'"  . DC  A 1 12 ? 10.171  -5.757  -19.126 1.00 0.00 ? 12 DC  A "O3'"  1 
ATOM   356 C "C2'"  . DC  A 1 12 ? 9.164   -3.548  -18.776 1.00 0.00 ? 12 DC  A "C2'"  1 
ATOM   357 C "C1'"  . DC  A 1 12 ? 8.450   -2.968  -17.542 1.00 0.00 ? 12 DC  A "C1'"  1 
ATOM   358 N N1     . DC  A 1 12 ? 9.011   -1.644  -17.153 1.00 0.00 ? 12 DC  A N1     1 
ATOM   359 C C2     . DC  A 1 12 ? 8.372   -0.488  -17.616 1.00 0.00 ? 12 DC  A C2     1 
ATOM   360 O O2     . DC  A 1 12 ? 7.410   -0.546  -18.381 1.00 0.00 ? 12 DC  A O2     1 
ATOM   361 N N3     . DC  A 1 12 ? 8.830   0.739   -17.280 1.00 0.00 ? 12 DC  A N3     1 
ATOM   362 C C4     . DC  A 1 12 ? 9.870   0.821   -16.482 1.00 0.00 ? 12 DC  A C4     1 
ATOM   363 N N4     . DC  A 1 12 ? 10.200  2.023   -16.114 1.00 0.00 ? 12 DC  A N4     1 
ATOM   364 C C5     . DC  A 1 12 ? 10.602  -0.309  -16.020 1.00 0.00 ? 12 DC  A C5     1 
ATOM   365 C C6     . DC  A 1 12 ? 10.139  -1.536  -16.376 1.00 0.00 ? 12 DC  A C6     1 
ATOM   366 H "H5'"  . DC  A 1 12 ? 9.618   -5.660  -14.890 1.00 0.00 ? 12 DC  A "H5'"  1 
ATOM   367 H "H5''" . DC  A 1 12 ? 10.370  -6.707  -16.102 1.00 0.00 ? 12 DC  A "H5''" 1 
ATOM   368 H "H4'"  . DC  A 1 12 ? 8.504   -5.782  -17.212 1.00 0.00 ? 12 DC  A "H4'"  1 
ATOM   369 H "H3'"  . DC  A 1 12 ? 11.017  -4.248  -17.940 1.00 0.00 ? 12 DC  A "H3'"  1 
ATOM   370 H "HO3'" . DC  A 1 12 ? 10.709  -6.421  -18.682 1.00 0.00 ? 12 DC  A "HO3'" 1 
ATOM   371 H "H2'"  . DC  A 1 12 ? 9.770   -2.801  -19.293 1.00 0.00 ? 12 DC  A "H2'"  1 
ATOM   372 H "H2''" . DC  A 1 12 ? 8.425   -3.959  -19.460 1.00 0.00 ? 12 DC  A "H2''" 1 
ATOM   373 H "H1'"  . DC  A 1 12 ? 7.382   -2.847  -17.751 1.00 0.00 ? 12 DC  A "H1'"  1 
ATOM   374 H H41    . DC  A 1 12 ? 10.823  2.140   -15.344 1.00 0.00 ? 12 DC  A H41    1 
ATOM   375 H H42    . DC  A 1 12 ? 9.548   2.759   -16.380 1.00 0.00 ? 12 DC  A H42    1 
ATOM   376 H H5     . DC  A 1 12 ? 11.459  -0.225  -15.371 1.00 0.00 ? 12 DC  A H5     1 
ATOM   377 H H6     . DC  A 1 12 ? 10.616  -2.446  -16.022 1.00 0.00 ? 12 DC  A H6     1 
ATOM   378 O "O5'"  . DG  B 2 1  ? 2.795   10.003  -20.389 1.00 0.00 ? 13 DG  B "O5'"  1 
ATOM   379 C "C5'"  . DG  B 2 1  ? 1.773   9.306   -19.659 1.00 0.00 ? 13 DG  B "C5'"  1 
ATOM   380 C "C4'"  . DG  B 2 1  ? 1.851   7.804   -19.982 1.00 0.00 ? 13 DG  B "C4'"  1 
ATOM   381 O "O4'"  . DG  B 2 1  ? 3.186   7.358   -19.795 1.00 0.00 ? 13 DG  B "O4'"  1 
ATOM   382 C "C3'"  . DG  B 2 1  ? 0.941   6.973   -19.067 1.00 0.00 ? 13 DG  B "C3'"  1 
ATOM   383 O "O3'"  . DG  B 2 1  ? 0.108   6.176   -19.887 1.00 0.00 ? 13 DG  B "O3'"  1 
ATOM   384 C "C2'"  . DG  B 2 1  ? 1.920   6.135   -18.240 1.00 0.00 ? 13 DG  B "C2'"  1 
ATOM   385 C "C1'"  . DG  B 2 1  ? 3.160   6.101   -19.133 1.00 0.00 ? 13 DG  B "C1'"  1 
ATOM   386 N N9     . DG  B 2 1  ? 4.417   5.917   -18.372 1.00 0.00 ? 13 DG  B N9     1 
ATOM   387 C C8     . DG  B 2 1  ? 5.176   6.873   -17.745 1.00 0.00 ? 13 DG  B C8     1 
ATOM   388 N N7     . DG  B 2 1  ? 6.333   6.451   -17.316 1.00 0.00 ? 13 DG  B N7     1 
ATOM   389 C C5     . DG  B 2 1  ? 6.310   5.078   -17.611 1.00 0.00 ? 13 DG  B C5     1 
ATOM   390 C C6     . DG  B 2 1  ? 7.290   4.035   -17.431 1.00 0.00 ? 13 DG  B C6     1 
ATOM   391 O O6     . DG  B 2 1  ? 8.444   4.102   -17.007 1.00 0.00 ? 13 DG  B O6     1 
ATOM   392 N N1     . DG  B 2 1  ? 6.853   2.798   -17.860 1.00 0.00 ? 13 DG  B N1     1 
ATOM   393 C C2     . DG  B 2 1  ? 5.660   2.584   -18.461 1.00 0.00 ? 13 DG  B C2     1 
ATOM   394 N N2     . DG  B 2 1  ? 5.366   1.361   -18.794 1.00 0.00 ? 13 DG  B N2     1 
ATOM   395 N N3     . DG  B 2 1  ? 4.765   3.526   -18.735 1.00 0.00 ? 13 DG  B N3     1 
ATOM   396 C C4     . DG  B 2 1  ? 5.134   4.750   -18.255 1.00 0.00 ? 13 DG  B C4     1 
ATOM   397 H "H5'"  . DG  B 2 1  ? 0.788   9.685   -19.939 1.00 0.00 ? 13 DG  B "H5'"  1 
ATOM   398 H "H5''" . DG  B 2 1  ? 1.919   9.451   -18.587 1.00 0.00 ? 13 DG  B "H5''" 1 
ATOM   399 H "H4'"  . DG  B 2 1  ? 1.546   7.638   -21.018 1.00 0.00 ? 13 DG  B "H4'"  1 
ATOM   400 H "H3'"  . DG  B 2 1  ? 0.342   7.616   -18.419 1.00 0.00 ? 13 DG  B "H3'"  1 
ATOM   401 H "H2'"  . DG  B 2 1  ? 2.134   6.625   -17.292 1.00 0.00 ? 13 DG  B "H2'"  1 
ATOM   402 H "H2''" . DG  B 2 1  ? 1.544   5.129   -18.067 1.00 0.00 ? 13 DG  B "H2''" 1 
ATOM   403 H "H1'"  . DG  B 2 1  ? 3.042   5.286   -19.853 1.00 0.00 ? 13 DG  B "H1'"  1 
ATOM   404 H H8     . DG  B 2 1  ? 4.857   7.901   -17.665 1.00 0.00 ? 13 DG  B H8     1 
ATOM   405 H H1     . DG  B 2 1  ? 7.459   2.012   -17.676 1.00 0.00 ? 13 DG  B H1     1 
ATOM   406 H H21    . DG  B 2 1  ? 4.402   1.191   -19.013 1.00 0.00 ? 13 DG  B H21    1 
ATOM   407 H H22    . DG  B 2 1  ? 5.996   0.603   -18.540 1.00 0.00 ? 13 DG  B H22    1 
ATOM   408 H "HO5'" . DG  B 2 1  ? 3.573   9.427   -20.362 1.00 0.00 ? 13 DG  B "HO5'" 1 
ATOM   409 P P      . DG  B 2 2  ? -1.260  5.538   -19.328 1.00 0.00 ? 14 DG  B P      1 
ATOM   410 O OP1    . DG  B 2 2  ? -2.126  5.278   -20.496 1.00 0.00 ? 14 DG  B OP1    1 
ATOM   411 O OP2    . DG  B 2 2  ? -1.736  6.409   -18.232 1.00 0.00 ? 14 DG  B OP2    1 
ATOM   412 O "O5'"  . DG  B 2 2  ? -0.754  4.136   -18.718 1.00 0.00 ? 14 DG  B "O5'"  1 
ATOM   413 C "C5'"  . DG  B 2 2  ? -0.404  3.063   -19.583 1.00 0.00 ? 14 DG  B "C5'"  1 
ATOM   414 C "C4'"  . DG  B 2 2  ? 0.156   1.817   -18.867 1.00 0.00 ? 14 DG  B "C4'"  1 
ATOM   415 O "O4'"  . DG  B 2 2  ? 1.455   2.070   -18.340 1.00 0.00 ? 14 DG  B "O4'"  1 
ATOM   416 C "C3'"  . DG  B 2 2  ? -0.725  1.262   -17.733 1.00 0.00 ? 14 DG  B "C3'"  1 
ATOM   417 O "O3'"  . DG  B 2 2  ? -0.843  -0.144  -17.921 1.00 0.00 ? 14 DG  B "O3'"  1 
ATOM   418 C "C2'"  . DG  B 2 2  ? 0.087   1.632   -16.492 1.00 0.00 ? 14 DG  B "C2'"  1 
ATOM   419 C "C1'"  . DG  B 2 2  ? 1.517   1.530   -17.028 1.00 0.00 ? 14 DG  B "C1'"  1 
ATOM   420 N N9     . DG  B 2 2  ? 2.505   2.278   -16.219 1.00 0.00 ? 14 DG  B N9     1 
ATOM   421 C C8     . DG  B 2 2  ? 2.470   3.591   -15.823 1.00 0.00 ? 14 DG  B C8     1 
ATOM   422 N N7     . DG  B 2 2  ? 3.541   4.000   -15.198 1.00 0.00 ? 14 DG  B N7     1 
ATOM   423 C C5     . DG  B 2 2  ? 4.335   2.843   -15.127 1.00 0.00 ? 14 DG  B C5     1 
ATOM   424 C C6     . DG  B 2 2  ? 5.646   2.601   -14.577 1.00 0.00 ? 14 DG  B C6     1 
ATOM   425 O O6     . DG  B 2 2  ? 6.440   3.385   -14.058 1.00 0.00 ? 14 DG  B O6     1 
ATOM   426 N N1     . DG  B 2 2  ? 6.057   1.288   -14.688 1.00 0.00 ? 14 DG  B N1     1 
ATOM   427 C C2     . DG  B 2 2  ? 5.328   0.316   -15.285 1.00 0.00 ? 14 DG  B C2     1 
ATOM   428 N N2     . DG  B 2 2  ? 5.797   -0.898  -15.254 1.00 0.00 ? 14 DG  B N2     1 
ATOM   429 N N3     . DG  B 2 2  ? 4.148   0.500   -15.862 1.00 0.00 ? 14 DG  B N3     1 
ATOM   430 C C4     . DG  B 2 2  ? 3.693   1.784   -15.736 1.00 0.00 ? 14 DG  B C4     1 
ATOM   431 H "H5'"  . DG  B 2 2  ? 0.342   3.412   -20.296 1.00 0.00 ? 14 DG  B "H5'"  1 
ATOM   432 H "H5''" . DG  B 2 2  ? -1.294  2.767   -20.140 1.00 0.00 ? 14 DG  B "H5''" 1 
ATOM   433 H "H4'"  . DG  B 2 2  ? 0.247   1.030   -19.615 1.00 0.00 ? 14 DG  B "H4'"  1 
ATOM   434 H "H3'"  . DG  B 2 2  ? -1.709  1.736   -17.716 1.00 0.00 ? 14 DG  B "H3'"  1 
ATOM   435 H "H2'"  . DG  B 2 2  ? -0.152  2.651   -16.192 1.00 0.00 ? 14 DG  B "H2'"  1 
ATOM   436 H "H2''" . DG  B 2 2  ? -0.088  0.949   -15.665 1.00 0.00 ? 14 DG  B "H2''" 1 
ATOM   437 H "H1'"  . DG  B 2 2  ? 1.799   0.474   -17.068 1.00 0.00 ? 14 DG  B "H1'"  1 
ATOM   438 H H8     . DG  B 2 2  ? 1.630   4.233   -16.044 1.00 0.00 ? 14 DG  B H8     1 
ATOM   439 H H1     . DG  B 2 2  ? 6.915   1.036   -14.219 1.00 0.00 ? 14 DG  B H1     1 
ATOM   440 H H21    . DG  B 2 2  ? 5.137   -1.616  -15.485 1.00 0.00 ? 14 DG  B H21    1 
ATOM   441 H H22    . DG  B 2 2  ? 6.615   -1.110  -14.683 1.00 0.00 ? 14 DG  B H22    1 
ATOM   442 P P      . DA  B 2 3  ? -1.745  -1.087  -16.974 1.00 0.00 ? 15 DA  B P      1 
ATOM   443 O OP1    . DA  B 2 3  ? -2.396  -2.092  -17.842 1.00 0.00 ? 15 DA  B OP1    1 
ATOM   444 O OP2    . DA  B 2 3  ? -2.561  -0.233  -16.087 1.00 0.00 ? 15 DA  B OP2    1 
ATOM   445 O "O5'"  . DA  B 2 3  ? -0.614  -1.826  -16.093 1.00 0.00 ? 15 DA  B "O5'"  1 
ATOM   446 C "C5'"  . DA  B 2 3  ? 0.269   -2.760  -16.706 1.00 0.00 ? 15 DA  B "C5'"  1 
ATOM   447 C "C4'"  . DA  B 2 3  ? 1.253   -3.458  -15.746 1.00 0.00 ? 15 DA  B "C4'"  1 
ATOM   448 O "O4'"  . DA  B 2 3  ? 2.193   -2.522  -15.230 1.00 0.00 ? 15 DA  B "O4'"  1 
ATOM   449 C "C3'"  . DA  B 2 3  ? 0.589   -4.178  -14.564 1.00 0.00 ? 15 DA  B "C3'"  1 
ATOM   450 O "O3'"  . DA  B 2 3  ? 1.273   -5.407  -14.349 1.00 0.00 ? 15 DA  B "O3'"  1 
ATOM   451 C "C2'"  . DA  B 2 3  ? 0.791   -3.171  -13.436 1.00 0.00 ? 15 DA  B "C2'"  1 
ATOM   452 C "C1'"  . DA  B 2 3  ? 2.148   -2.562  -13.811 1.00 0.00 ? 15 DA  B "C1'"  1 
ATOM   453 N N9     . DA  B 2 3  ? 2.335   -1.194  -13.283 1.00 0.00 ? 15 DA  B N9     1 
ATOM   454 C C8     . DA  B 2 3  ? 1.481   -0.120  -13.349 1.00 0.00 ? 15 DA  B C8     1 
ATOM   455 N N7     . DA  B 2 3  ? 1.928   0.969   -12.775 1.00 0.00 ? 15 DA  B N7     1 
ATOM   456 C C5     . DA  B 2 3  ? 3.198   0.570   -12.312 1.00 0.00 ? 15 DA  B C5     1 
ATOM   457 C C6     . DA  B 2 3  ? 4.271   1.205   -11.636 1.00 0.00 ? 15 DA  B C6     1 
ATOM   458 N N6     . DA  B 2 3  ? 4.295   2.473   -11.281 1.00 0.00 ? 15 DA  B N6     1 
ATOM   459 N N1     . DA  B 2 3  ? 5.385   0.540   -11.328 1.00 0.00 ? 15 DA  B N1     1 
ATOM   460 C C2     . DA  B 2 3  ? 5.466   -0.738  -11.668 1.00 0.00 ? 15 DA  B C2     1 
ATOM   461 N N3     . DA  B 2 3  ? 4.561   -1.462  -12.313 1.00 0.00 ? 15 DA  B N3     1 
ATOM   462 C C4     . DA  B 2 3  ? 3.444   -0.741  -12.611 1.00 0.00 ? 15 DA  B C4     1 
ATOM   463 H "H5'"  . DA  B 2 3  ? 0.847   -2.244  -17.472 1.00 0.00 ? 15 DA  B "H5'"  1 
ATOM   464 H "H5''" . DA  B 2 3  ? -0.328  -3.533  -17.193 1.00 0.00 ? 15 DA  B "H5''" 1 
ATOM   465 H "H4'"  . DA  B 2 3  ? 1.797   -4.206  -16.321 1.00 0.00 ? 15 DA  B "H4'"  1 
ATOM   466 H "H3'"  . DA  B 2 3  ? -0.473  -4.357  -14.748 1.00 0.00 ? 15 DA  B "H3'"  1 
ATOM   467 H "H2'"  . DA  B 2 3  ? -0.006  -2.431  -13.472 1.00 0.00 ? 15 DA  B "H2'"  1 
ATOM   468 H "H2''" . DA  B 2 3  ? 0.812   -3.646  -12.458 1.00 0.00 ? 15 DA  B "H2''" 1 
ATOM   469 H "H1'"  . DA  B 2 3  ? 2.942   -3.218  -13.435 1.00 0.00 ? 15 DA  B "H1'"  1 
ATOM   470 H H8     . DA  B 2 3  ? 0.518   -0.185  -13.843 1.00 0.00 ? 15 DA  B H8     1 
ATOM   471 H H61    . DA  B 2 3  ? 3.496   3.049   -11.459 1.00 0.00 ? 15 DA  B H61    1 
ATOM   472 H H62    . DA  B 2 3  ? 5.139   2.839   -10.852 1.00 0.00 ? 15 DA  B H62    1 
ATOM   473 H H2     . DA  B 2 3  ? 6.383   -1.247  -11.398 1.00 0.00 ? 15 DA  B H2     1 
ATOM   474 P P      . DC  B 2 4  ? 0.811   -6.478  -13.234 1.00 0.00 ? 16 DC  B P      1 
ATOM   475 O OP1    . DC  B 2 4  ? 1.222   -7.814  -13.718 1.00 0.00 ? 16 DC  B OP1    1 
ATOM   476 O OP2    . DC  B 2 4  ? -0.610  -6.218  -12.913 1.00 0.00 ? 16 DC  B OP2    1 
ATOM   477 O "O5'"  . DC  B 2 4  ? 1.725   -6.061  -11.970 1.00 0.00 ? 16 DC  B "O5'"  1 
ATOM   478 C "C5'"  . DC  B 2 4  ? 3.131   -6.286  -11.987 1.00 0.00 ? 16 DC  B "C5'"  1 
ATOM   479 C "C4'"  . DC  B 2 4  ? 3.889   -5.772  -10.745 1.00 0.00 ? 16 DC  B "C4'"  1 
ATOM   480 O "O4'"  . DC  B 2 4  ? 3.853   -4.354  -10.673 1.00 0.00 ? 16 DC  B "O4'"  1 
ATOM   481 C "C3'"  . DC  B 2 4  ? 3.402   -6.326  -9.395  1.00 0.00 ? 16 DC  B "C3'"  1 
ATOM   482 O "O3'"  . DC  B 2 4  ? 4.465   -7.042  -8.777  1.00 0.00 ? 16 DC  B "O3'"  1 
ATOM   483 C "C2'"  . DC  B 2 4  ? 3.039   -5.058  -8.613  1.00 0.00 ? 16 DC  B "C2'"  1 
ATOM   484 C "C1'"  . DC  B 2 4  ? 3.876   -3.976  -9.308  1.00 0.00 ? 16 DC  B "C1'"  1 
ATOM   485 N N1     . DC  B 2 4  ? 3.303   -2.607  -9.173  1.00 0.00 ? 16 DC  B N1     1 
ATOM   486 C C2     . DC  B 2 4  ? 3.985   -1.622  -8.444  1.00 0.00 ? 16 DC  B C2     1 
ATOM   487 O O2     . DC  B 2 4  ? 5.017   -1.858  -7.824  1.00 0.00 ? 16 DC  B O2     1 
ATOM   488 N N3     . DC  B 2 4  ? 3.506   -0.357  -8.388  1.00 0.00 ? 16 DC  B N3     1 
ATOM   489 C C4     . DC  B 2 4  ? 2.389   -0.073  -9.016  1.00 0.00 ? 16 DC  B C4     1 
ATOM   490 N N4     . DC  B 2 4  ? 2.017   1.171   -8.960  1.00 0.00 ? 16 DC  B N4     1 
ATOM   491 C C5     . DC  B 2 4  ? 1.637   -1.027  -9.756  1.00 0.00 ? 16 DC  B C5     1 
ATOM   492 C C6     . DC  B 2 4  ? 2.130   -2.292  -9.814  1.00 0.00 ? 16 DC  B C6     1 
ATOM   493 H "H5'"  . DC  B 2 4  ? 3.555   -5.798  -12.866 1.00 0.00 ? 16 DC  B "H5'"  1 
ATOM   494 H "H5''" . DC  B 2 4  ? 3.311   -7.358  -12.076 1.00 0.00 ? 16 DC  B "H5''" 1 
ATOM   495 H "H4'"  . DC  B 2 4  ? 4.932   -6.069  -10.853 1.00 0.00 ? 16 DC  B "H4'"  1 
ATOM   496 H "H3'"  . DC  B 2 4  ? 2.528   -6.968  -9.531  1.00 0.00 ? 16 DC  B "H3'"  1 
ATOM   497 H "H2'"  . DC  B 2 4  ? 1.973   -4.867  -8.726  1.00 0.00 ? 16 DC  B "H2'"  1 
ATOM   498 H "H2''" . DC  B 2 4  ? 3.289   -5.147  -7.559  1.00 0.00 ? 16 DC  B "H2''" 1 
ATOM   499 H "H1'"  . DC  B 2 4  ? 4.903   -4.012  -8.926  1.00 0.00 ? 16 DC  B "H1'"  1 
ATOM   500 H H41    . DC  B 2 4  ? 1.219   1.484   -9.462  1.00 0.00 ? 16 DC  B H41    1 
ATOM   501 H H42    . DC  B 2 4  ? 2.647   1.805   -8.471  1.00 0.00 ? 16 DC  B H42    1 
ATOM   502 H H5     . DC  B 2 4  ? 0.736   -0.770  -10.288 1.00 0.00 ? 16 DC  B H5     1 
ATOM   503 H H6     . DC  B 2 4  ? 1.636   -3.069  -10.388 1.00 0.00 ? 16 DC  B H6     1 
ATOM   504 P P      . DT  B 2 5  ? 4.243   -7.960  -7.469  1.00 0.00 ? 17 DT  B P      1 
ATOM   505 O OP1    . DT  B 2 5  ? 5.159   -9.117  -7.577  1.00 0.00 ? 17 DT  B OP1    1 
ATOM   506 O OP2    . DT  B 2 5  ? 2.794   -8.191  -7.304  1.00 0.00 ? 17 DT  B OP2    1 
ATOM   507 O "O5'"  . DT  B 2 5  ? 4.737   -7.020  -6.250  1.00 0.00 ? 17 DT  B "O5'"  1 
ATOM   508 C "C5'"  . DT  B 2 5  ? 6.123   -6.851  -5.969  1.00 0.00 ? 17 DT  B "C5'"  1 
ATOM   509 C "C4'"  . DT  B 2 5  ? 6.403   -5.954  -4.745  1.00 0.00 ? 17 DT  B "C4'"  1 
ATOM   510 O "O4'"  . DT  B 2 5  ? 6.068   -4.614  -5.081  1.00 0.00 ? 17 DT  B "O4'"  1 
ATOM   511 C "C3'"  . DT  B 2 5  ? 5.639   -6.349  -3.462  1.00 0.00 ? 17 DT  B "C3'"  1 
ATOM   512 O "O3'"  . DT  B 2 5  ? 6.498   -6.484  -2.332  1.00 0.00 ? 17 DT  B "O3'"  1 
ATOM   513 C "C2'"  . DT  B 2 5  ? 4.699   -5.162  -3.265  1.00 0.00 ? 17 DT  B "C2'"  1 
ATOM   514 C "C1'"  . DT  B 2 5  ? 5.437   -4.018  -3.971  1.00 0.00 ? 17 DT  B "C1'"  1 
ATOM   515 N N1     . DT  B 2 5  ? 4.547   -2.910  -4.427  1.00 0.00 ? 17 DT  B N1     1 
ATOM   516 C C2     . DT  B 2 5  ? 4.915   -1.598  -4.101  1.00 0.00 ? 17 DT  B C2     1 
ATOM   517 O O2     . DT  B 2 5  ? 5.941   -1.304  -3.497  1.00 0.00 ? 17 DT  B O2     1 
ATOM   518 N N3     . DT  B 2 5  ? 4.034   -0.602  -4.450  1.00 0.00 ? 17 DT  B N3     1 
ATOM   519 C C4     . DT  B 2 5  ? 2.819   -0.779  -5.068  1.00 0.00 ? 17 DT  B C4     1 
ATOM   520 O O4     . DT  B 2 5  ? 2.106   0.203   -5.249  1.00 0.00 ? 17 DT  B O4     1 
ATOM   521 C C5     . DT  B 2 5  ? 2.510   -2.165  -5.428  1.00 0.00 ? 17 DT  B C5     1 
ATOM   522 C C7     . DT  B 2 5  ? 1.219   -2.499  -6.156  1.00 0.00 ? 17 DT  B C7     1 
ATOM   523 C C6     . DT  B 2 5  ? 3.377   -3.168  -5.118  1.00 0.00 ? 17 DT  B C6     1 
ATOM   524 H "H5'"  . DT  B 2 5  ? 6.615   -6.415  -6.841  1.00 0.00 ? 17 DT  B "H5'"  1 
ATOM   525 H "H5''" . DT  B 2 5  ? 6.565   -7.832  -5.784  1.00 0.00 ? 17 DT  B "H5''" 1 
ATOM   526 H "H4'"  . DT  B 2 5  ? 7.470   -5.996  -4.525  1.00 0.00 ? 17 DT  B "H4'"  1 
ATOM   527 H "H3'"  . DT  B 2 5  ? 5.077   -7.270  -3.631  1.00 0.00 ? 17 DT  B "H3'"  1 
ATOM   528 H "H2'"  . DT  B 2 5  ? 3.760   -5.392  -3.755  1.00 0.00 ? 17 DT  B "H2'"  1 
ATOM   529 H "H2''" . DT  B 2 5  ? 4.536   -4.933  -2.214  1.00 0.00 ? 17 DT  B "H2''" 1 
ATOM   530 H "H1'"  . DT  B 2 5  ? 6.205   -3.635  -3.291  1.00 0.00 ? 17 DT  B "H1'"  1 
ATOM   531 H H3     . DT  B 2 5  ? 4.306   0.346   -4.229  1.00 0.00 ? 17 DT  B H3     1 
ATOM   532 H H71    . DT  B 2 5  ? 1.179   -3.553  -6.431  1.00 0.00 ? 17 DT  B H71    1 
ATOM   533 H H72    . DT  B 2 5  ? 0.373   -2.260  -5.513  1.00 0.00 ? 17 DT  B H72    1 
ATOM   534 H H73    . DT  B 2 5  ? 1.143   -1.887  -7.052  1.00 0.00 ? 17 DT  B H73    1 
ATOM   535 H H6     . DT  B 2 5  ? 3.163   -4.184  -5.425  1.00 0.00 ? 17 DT  B H6     1 
ATOM   536 P P      . DT  B 2 6  ? 6.172   -7.526  -1.130  1.00 0.00 ? 18 DT  B P      1 
ATOM   537 O OP1    . DT  B 2 6  ? 7.398   -7.659  -0.314  1.00 0.00 ? 18 DT  B OP1    1 
ATOM   538 O OP2    . DT  B 2 6  ? 5.556   -8.734  -1.715  1.00 0.00 ? 18 DT  B OP2    1 
ATOM   539 O "O5'"  . DT  B 2 6  ? 5.045   -6.777  -0.250  1.00 0.00 ? 18 DT  B "O5'"  1 
ATOM   540 C "C5'"  . DT  B 2 6  ? 5.435   -5.808  0.714   1.00 0.00 ? 18 DT  B "C5'"  1 
ATOM   541 C "C4'"  . DT  B 2 6  ? 4.274   -5.015  1.337   1.00 0.00 ? 18 DT  B "C4'"  1 
ATOM   542 O "O4'"  . DT  B 2 6  ? 3.637   -4.294  0.293   1.00 0.00 ? 18 DT  B "O4'"  1 
ATOM   543 C "C3'"  . DT  B 2 6  ? 3.241   -5.894  2.067   1.00 0.00 ? 18 DT  B "C3'"  1 
ATOM   544 O "O3'"  . DT  B 2 6  ? 3.039   -5.581  3.440   1.00 0.00 ? 18 DT  B "O3'"  1 
ATOM   545 C "C2'"  . DT  B 2 6  ? 1.925   -5.564  1.360   1.00 0.00 ? 18 DT  B "C2'"  1 
ATOM   546 C "C1'"  . DT  B 2 6  ? 2.235   -4.378  0.428   1.00 0.00 ? 18 DT  B "C1'"  1 
ATOM   547 N N1     . DT  B 2 6  ? 1.639   -4.559  -0.928  1.00 0.00 ? 18 DT  B N1     1 
ATOM   548 C C2     . DT  B 2 6  ? 0.784   -3.567  -1.421  1.00 0.00 ? 18 DT  B C2     1 
ATOM   549 O O2     . DT  B 2 6  ? 0.545   -2.508  -0.855  1.00 0.00 ? 18 DT  B O2     1 
ATOM   550 N N3     . DT  B 2 6  ? 0.163   -3.822  -2.619  1.00 0.00 ? 18 DT  B N3     1 
ATOM   551 C C4     . DT  B 2 6  ? 0.276   -4.975  -3.357  1.00 0.00 ? 18 DT  B C4     1 
ATOM   552 O O4     . DT  B 2 6  ? -0.410  -5.069  -4.369  1.00 0.00 ? 18 DT  B O4     1 
ATOM   553 C C5     . DT  B 2 6  ? 1.219   -5.961  -2.819  1.00 0.00 ? 18 DT  B C5     1 
ATOM   554 C C7     . DT  B 2 6  ? 1.500   -7.265  -3.554  1.00 0.00 ? 18 DT  B C7     1 
ATOM   555 C C6     . DT  B 2 6  ? 1.877   -5.714  -1.655  1.00 0.00 ? 18 DT  B C6     1 
ATOM   556 H "H5'"  . DT  B 2 6  ? 6.100   -5.099  0.225   1.00 0.00 ? 18 DT  B "H5'"  1 
ATOM   557 H "H5''" . DT  B 2 6  ? 5.988   -6.307  1.513   1.00 0.00 ? 18 DT  B "H5''" 1 
ATOM   558 H "H4'"  . DT  B 2 6  ? 4.683   -4.300  2.051   1.00 0.00 ? 18 DT  B "H4'"  1 
ATOM   559 H "H3'"  . DT  B 2 6  ? 3.487   -6.951  1.944   1.00 0.00 ? 18 DT  B "H3'"  1 
ATOM   560 H "H2'"  . DT  B 2 6  ? 1.575   -6.442  0.822   1.00 0.00 ? 18 DT  B "H2'"  1 
ATOM   561 H "H2''" . DT  B 2 6  ? 1.155   -5.272  2.076   1.00 0.00 ? 18 DT  B "H2''" 1 
ATOM   562 H "H1'"  . DT  B 2 6  ? 1.872   -3.453  0.896   1.00 0.00 ? 18 DT  B "H1'"  1 
ATOM   563 H H3     . DT  B 2 6  ? -0.421  -3.096  -2.982  1.00 0.00 ? 18 DT  B H3     1 
ATOM   564 H H71    . DT  B 2 6  ? 1.049   -7.247  -4.547  1.00 0.00 ? 18 DT  B H71    1 
ATOM   565 H H72    . DT  B 2 6  ? 2.573   -7.408  -3.680  1.00 0.00 ? 18 DT  B H72    1 
ATOM   566 H H73    . DT  B 2 6  ? 1.085   -8.103  -2.998  1.00 0.00 ? 18 DT  B H73    1 
ATOM   567 H H6     . DT  B 2 6  ? 2.614   -6.422  -1.284  1.00 0.00 ? 18 DT  B H6     1 
ATOM   568 P P      . DG  B 2 7  ? 4.077   -5.947  4.617   1.00 0.00 ? 19 DG  B P      1 
ATOM   569 O OP1    . DG  B 2 7  ? 5.176   -6.756  4.052   1.00 0.00 ? 19 DG  B OP1    1 
ATOM   570 O OP2    . DG  B 2 7  ? 3.304   -6.461  5.766   1.00 0.00 ? 19 DG  B OP2    1 
ATOM   571 O "O5'"  . DG  B 2 7  ? 4.645   -4.487  4.995   1.00 0.00 ? 19 DG  B "O5'"  1 
ATOM   572 C "C5'"  . DG  B 2 7  ? 5.994   -4.122  4.733   1.00 0.00 ? 19 DG  B "C5'"  1 
ATOM   573 C "C4'"  . DG  B 2 7  ? 6.230   -2.602  4.809   1.00 0.00 ? 19 DG  B "C4'"  1 
ATOM   574 O "O4'"  . DG  B 2 7  ? 5.516   -1.981  3.748   1.00 0.00 ? 19 DG  B "O4'"  1 
ATOM   575 C "C3'"  . DG  B 2 7  ? 5.835   -1.983  6.164   1.00 0.00 ? 19 DG  B "C3'"  1 
ATOM   576 O "O3'"  . DG  B 2 7  ? 6.920   -1.280  6.771   1.00 0.00 ? 19 DG  B "O3'"  1 
ATOM   577 C "C2'"  . DG  B 2 7  ? 4.695   -1.040  5.777   1.00 0.00 ? 19 DG  B "C2'"  1 
ATOM   578 C "C1'"  . DG  B 2 7  ? 4.701   -0.938  4.249   1.00 0.00 ? 19 DG  B "C1'"  1 
ATOM   579 N N9     . DG  B 2 7  ? 3.314   -1.052  3.736   1.00 0.00 ? 19 DG  B N9     1 
ATOM   580 C C8     . DG  B 2 7  ? 2.586   -2.190  3.497   1.00 0.00 ? 19 DG  B C8     1 
ATOM   581 N N7     . DG  B 2 7  ? 1.360   -1.972  3.098   1.00 0.00 ? 19 DG  B N7     1 
ATOM   582 C C5     . DG  B 2 7  ? 1.261   -0.570  3.093   1.00 0.00 ? 19 DG  B C5     1 
ATOM   583 C C6     . DG  B 2 7  ? 0.182   0.322   2.748   1.00 0.00 ? 19 DG  B C6     1 
ATOM   584 O O6     . DG  B 2 7  ? -0.942  0.068   2.312   1.00 0.00 ? 19 DG  B O6     1 
ATOM   585 N N1     . DG  B 2 7  ? 0.479   1.652   2.959   1.00 0.00 ? 19 DG  B N1     1 
ATOM   586 C C2     . DG  B 2 7  ? 1.659   2.092   3.451   1.00 0.00 ? 19 DG  B C2     1 
ATOM   587 N N2     . DG  B 2 7  ? 1.762   3.367   3.694   1.00 0.00 ? 19 DG  B N2     1 
ATOM   588 N N3     . DG  B 2 7  ? 2.703   1.320   3.739   1.00 0.00 ? 19 DG  B N3     1 
ATOM   589 C C4     . DG  B 2 7  ? 2.443   -0.007  3.531   1.00 0.00 ? 19 DG  B C4     1 
ATOM   590 H "H5'"  . DG  B 2 7  ? 6.268   -4.461  3.735   1.00 0.00 ? 19 DG  B "H5'"  1 
ATOM   591 H "H5''" . DG  B 2 7  ? 6.638   -4.619  5.458   1.00 0.00 ? 19 DG  B "H5''" 1 
ATOM   592 H "H4'"  . DG  B 2 7  ? 7.292   -2.414  4.653   1.00 0.00 ? 19 DG  B "H4'"  1 
ATOM   593 H "H3'"  . DG  B 2 7  ? 5.466   -2.761  6.836   1.00 0.00 ? 19 DG  B "H3'"  1 
ATOM   594 H "H2'"  . DG  B 2 7  ? 3.761   -1.475  6.121   1.00 0.00 ? 19 DG  B "H2'"  1 
ATOM   595 H "H2''" . DG  B 2 7  ? 4.820   -0.050  6.205   1.00 0.00 ? 19 DG  B "H2''" 1 
ATOM   596 H "H1'"  . DG  B 2 7  ? 5.120   0.026   3.945   1.00 0.00 ? 19 DG  B "H1'"  1 
ATOM   597 H H8     . DG  B 2 7  ? 3.004   -3.177  3.635   1.00 0.00 ? 19 DG  B H8     1 
ATOM   598 H H1     . DG  B 2 7  ? -0.255  2.319   2.777   1.00 0.00 ? 19 DG  B H1     1 
ATOM   599 H H21    . DG  B 2 7  ? 2.617   3.690   4.096   1.00 0.00 ? 19 DG  B H21    1 
ATOM   600 H H22    . DG  B 2 7  ? 0.975   3.993   3.520   1.00 0.00 ? 19 DG  B H22    1 
ATOM   601 P P      . DC  B 2 8  ? 6.990   -0.988  8.367   1.00 0.00 ? 20 DC  B P      1 
ATOM   602 O OP1    . DC  B 2 8  ? 8.284   -0.324  8.650   1.00 0.00 ? 20 DC  B OP1    1 
ATOM   603 O OP2    . DC  B 2 8  ? 6.661   -2.243  9.078   1.00 0.00 ? 20 DC  B OP2    1 
ATOM   604 O "O5'"  . DC  B 2 8  ? 5.796   0.076   8.631   1.00 0.00 ? 20 DC  B "O5'"  1 
ATOM   605 C "C5'"  . DC  B 2 8  ? 5.944   1.453   8.297   1.00 0.00 ? 20 DC  B "C5'"  1 
ATOM   606 C "C4'"  . DC  B 2 8  ? 4.658   2.303   8.428   1.00 0.00 ? 20 DC  B "C4'"  1 
ATOM   607 O "O4'"  . DC  B 2 8  ? 3.655   1.893   7.507   1.00 0.00 ? 20 DC  B "O4'"  1 
ATOM   608 C "C3'"  . DC  B 2 8  ? 4.032   2.341   9.836   1.00 0.00 ? 20 DC  B "C3'"  1 
ATOM   609 O "O3'"  . DC  B 2 8  ? 4.068   3.680   10.322  1.00 0.00 ? 20 DC  B "O3'"  1 
ATOM   610 C "C2'"  . DC  B 2 8  ? 2.604   1.837   9.581   1.00 0.00 ? 20 DC  B "C2'"  1 
ATOM   611 C "C1'"  . DC  B 2 8  ? 2.381   2.110   8.087   1.00 0.00 ? 20 DC  B "C1'"  1 
ATOM   612 N N1     . DC  B 2 8  ? 1.394   1.189   7.452   1.00 0.00 ? 20 DC  B N1     1 
ATOM   613 C C2     . DC  B 2 8  ? 0.204   1.695   6.907   1.00 0.00 ? 20 DC  B C2     1 
ATOM   614 O O2     . DC  B 2 8  ? -0.104  2.880   6.999   1.00 0.00 ? 20 DC  B O2     1 
ATOM   615 N N3     . DC  B 2 8  ? -0.664  0.872   6.270   1.00 0.00 ? 20 DC  B N3     1 
ATOM   616 C C4     . DC  B 2 8  ? -0.369  -0.404  6.161   1.00 0.00 ? 20 DC  B C4     1 
ATOM   617 N N4     . DC  B 2 8  ? -1.209  -1.134  5.491   1.00 0.00 ? 20 DC  B N4     1 
ATOM   618 C C5     . DC  B 2 8  ? 0.810   -0.982  6.712   1.00 0.00 ? 20 DC  B C5     1 
ATOM   619 C C6     . DC  B 2 8  ? 1.667   -0.152  7.355   1.00 0.00 ? 20 DC  B C6     1 
ATOM   620 H "H5'"  . DC  B 2 8  ? 6.300   1.531   7.268   1.00 0.00 ? 20 DC  B "H5'"  1 
ATOM   621 H "H5''" . DC  B 2 8  ? 6.706   1.885   8.947   1.00 0.00 ? 20 DC  B "H5''" 1 
ATOM   622 H "H4'"  . DC  B 2 8  ? 4.922   3.329   8.175   1.00 0.00 ? 20 DC  B "H4'"  1 
ATOM   623 H "H3'"  . DC  B 2 8  ? 4.565   1.669   10.513  1.00 0.00 ? 20 DC  B "H3'"  1 
ATOM   624 H "H2'"  . DC  B 2 8  ? 2.562   0.771   9.797   1.00 0.00 ? 20 DC  B "H2'"  1 
ATOM   625 H "H2''" . DC  B 2 8  ? 1.875   2.363   10.187  1.00 0.00 ? 20 DC  B "H2''" 1 
ATOM   626 H "H1'"  . DC  B 2 8  ? 2.076   3.155   7.957   1.00 0.00 ? 20 DC  B "H1'"  1 
ATOM   627 H H41    . DC  B 2 8  ? -0.942  -2.053  5.206   1.00 0.00 ? 20 DC  B H41    1 
ATOM   628 H H42    . DC  B 2 8  ? -2.007  -0.663  5.068   1.00 0.00 ? 20 DC  B H42    1 
ATOM   629 H H5     . DC  B 2 8  ? 1.035   -2.032  6.613   1.00 0.00 ? 20 DC  B H5     1 
ATOM   630 H H6     . DC  B 2 8  ? 2.595   -0.521  7.779   1.00 0.00 ? 20 DC  B H6     1 
ATOM   631 P P      . DT  B 2 9  ? 3.684   4.080   11.839  1.00 0.00 ? 21 DT  B P      1 
ATOM   632 O OP1    . DT  B 2 9  ? 4.386   5.343   12.168  1.00 0.00 ? 21 DT  B OP1    1 
ATOM   633 O OP2    . DT  B 2 9  ? 3.890   2.892   12.696  1.00 0.00 ? 21 DT  B OP2    1 
ATOM   634 O "O5'"  . DT  B 2 9  ? 2.099   4.376   11.725  1.00 0.00 ? 21 DT  B "O5'"  1 
ATOM   635 C "C5'"  . DT  B 2 9  ? 1.614   5.530   11.040  1.00 0.00 ? 21 DT  B "C5'"  1 
ATOM   636 C "C4'"  . DT  B 2 9  ? 0.089   5.531   10.804  1.00 0.00 ? 21 DT  B "C4'"  1 
ATOM   637 O "O4'"  . DT  B 2 9  ? -0.277  4.457   9.952   1.00 0.00 ? 21 DT  B "O4'"  1 
ATOM   638 C "C3'"  . DT  B 2 9  ? -0.788  5.446   12.068  1.00 0.00 ? 21 DT  B "C3'"  1 
ATOM   639 O "O3'"  . DT  B 2 9  ? -1.376  6.710   12.364  1.00 0.00 ? 21 DT  B "O3'"  1 
ATOM   640 C "C2'"  . DT  B 2 9  ? -1.850  4.405   11.681  1.00 0.00 ? 21 DT  B "C2'"  1 
ATOM   641 C "C1'"  . DT  B 2 9  ? -1.640  4.163   10.182  1.00 0.00 ? 21 DT  B "C1'"  1 
ATOM   642 N N1     . DT  B 2 9  ? -1.936  2.758   9.799   1.00 0.00 ? 21 DT  B N1     1 
ATOM   643 C C2     . DT  B 2 9  ? -3.105  2.490   9.077   1.00 0.00 ? 21 DT  B C2     1 
ATOM   644 O O2     . DT  B 2 9  ? -3.923  3.346   8.762   1.00 0.00 ? 21 DT  B O2     1 
ATOM   645 N N3     . DT  B 2 9  ? -3.345  1.177   8.755   1.00 0.00 ? 21 DT  B N3     1 
ATOM   646 C C4     . DT  B 2 9  ? -2.592  0.100   9.159   1.00 0.00 ? 21 DT  B C4     1 
ATOM   647 O O4     . DT  B 2 9  ? -2.977  -1.035  8.878   1.00 0.00 ? 21 DT  B O4     1 
ATOM   648 C C5     . DT  B 2 9  ? -1.394  0.441   9.928   1.00 0.00 ? 21 DT  B C5     1 
ATOM   649 C C7     . DT  B 2 9  ? -0.463  -0.651  10.425  1.00 0.00 ? 21 DT  B C7     1 
ATOM   650 C C6     . DT  B 2 9  ? -1.107  1.738   10.217  1.00 0.00 ? 21 DT  B C6     1 
ATOM   651 H "H5'"  . DT  B 2 9  ? 2.103   5.594   10.066  1.00 0.00 ? 21 DT  B "H5'"  1 
ATOM   652 H "H5''" . DT  B 2 9  ? 1.881   6.417   11.613  1.00 0.00 ? 21 DT  B "H5''" 1 
ATOM   653 H "H4'"  . DT  B 2 9  ? -0.171  6.460   10.297  1.00 0.00 ? 21 DT  B "H4'"  1 
ATOM   654 H "H3'"  . DT  B 2 9  ? -0.192  5.090   12.911  1.00 0.00 ? 21 DT  B "H3'"  1 
ATOM   655 H "H2'"  . DT  B 2 9  ? -1.686  3.499   12.259  1.00 0.00 ? 21 DT  B "H2'"  1 
ATOM   656 H "H2''" . DT  B 2 9  ? -2.861  4.764   11.846  1.00 0.00 ? 21 DT  B "H2''" 1 
ATOM   657 H "H1'"  . DT  B 2 9  ? -2.271  4.853   9.610   1.00 0.00 ? 21 DT  B "H1'"  1 
ATOM   658 H H3     . DT  B 2 9  ? -4.205  0.994   8.257   1.00 0.00 ? 21 DT  B H3     1 
ATOM   659 H H71    . DT  B 2 9  ? 0.387   -0.229  10.962  1.00 0.00 ? 21 DT  B H71    1 
ATOM   660 H H72    . DT  B 2 9  ? -0.106  -1.228  9.573   1.00 0.00 ? 21 DT  B H72    1 
ATOM   661 H H73    . DT  B 2 9  ? -1.017  -1.316  11.084  1.00 0.00 ? 21 DT  B H73    1 
ATOM   662 H H6     . DT  B 2 9  ? -0.226  2.001   10.786  1.00 0.00 ? 21 DT  B H6     1 
ATOM   663 P P      . DA  B 2 10 ? -2.132  7.011   13.762  1.00 0.00 ? 22 DA  B P      1 
ATOM   664 O OP1    . DA  B 2 10 ? -2.238  8.480   13.920  1.00 0.00 ? 22 DA  B OP1    1 
ATOM   665 O OP2    . DA  B 2 10 ? -1.491  6.210   14.827  1.00 0.00 ? 22 DA  B OP2    1 
ATOM   666 O "O5'"  . DA  B 2 10 ? -3.617  6.426   13.524  1.00 0.00 ? 22 DA  B "O5'"  1 
ATOM   667 C "C5'"  . DA  B 2 10 ? -4.511  7.058   12.616  1.00 0.00 ? 22 DA  B "C5'"  1 
ATOM   668 C "C4'"  . DA  B 2 10 ? -5.850  6.311   12.448  1.00 0.00 ? 22 DA  B "C4'"  1 
ATOM   669 O "O4'"  . DA  B 2 10 ? -5.670  5.101   11.724  1.00 0.00 ? 22 DA  B "O4'"  1 
ATOM   670 C "C3'"  . DA  B 2 10 ? -6.566  5.977   13.771  1.00 0.00 ? 22 DA  B "C3'"  1 
ATOM   671 O "O3'"  . DA  B 2 10 ? -7.855  6.583   13.784  1.00 0.00 ? 22 DA  B "O3'"  1 
ATOM   672 C "C2'"  . DA  B 2 10 ? -6.629  4.444   13.737  1.00 0.00 ? 22 DA  B "C2'"  1 
ATOM   673 C "C1'"  . DA  B 2 10 ? -6.560  4.129   12.237  1.00 0.00 ? 22 DA  B "C1'"  1 
ATOM   674 N N9     . DA  B 2 10 ? -6.019  2.779   11.949  1.00 0.00 ? 22 DA  B N9     1 
ATOM   675 C C8     . DA  B 2 10 ? -4.751  2.315   12.196  1.00 0.00 ? 22 DA  B C8     1 
ATOM   676 N N7     . DA  B 2 10 ? -4.532  1.084   11.814  1.00 0.00 ? 22 DA  B N7     1 
ATOM   677 C C5     . DA  B 2 10 ? -5.775  0.707   11.271  1.00 0.00 ? 22 DA  B C5     1 
ATOM   678 C C6     . DA  B 2 10 ? -6.288  -0.465  10.665  1.00 0.00 ? 22 DA  B C6     1 
ATOM   679 N N6     . DA  B 2 10 ? -5.571  -1.536  10.390  1.00 0.00 ? 22 DA  B N6     1 
ATOM   680 N N1     . DA  B 2 10 ? -7.565  -0.555  10.277  1.00 0.00 ? 22 DA  B N1     1 
ATOM   681 C C2     . DA  B 2 10 ? -8.321  0.527   10.422  1.00 0.00 ? 22 DA  B C2     1 
ATOM   682 N N3     . DA  B 2 10 ? -7.986  1.699   10.948  1.00 0.00 ? 22 DA  B N3     1 
ATOM   683 C C4     . DA  B 2 10 ? -6.686  1.727   11.359  1.00 0.00 ? 22 DA  B C4     1 
ATOM   684 H "H5'"  . DA  B 2 10 ? -4.032  7.135   11.638  1.00 0.00 ? 22 DA  B "H5'"  1 
ATOM   685 H "H5''" . DA  B 2 10 ? -4.718  8.066   12.975  1.00 0.00 ? 22 DA  B "H5''" 1 
ATOM   686 H "H4'"  . DA  B 2 10 ? -6.514  6.947   11.864  1.00 0.00 ? 22 DA  B "H4'"  1 
ATOM   687 H "H3'"  . DA  B 2 10 ? -5.976  6.320   14.625  1.00 0.00 ? 22 DA  B "H3'"  1 
ATOM   688 H "H2'"  . DA  B 2 10 ? -5.759  4.043   14.256  1.00 0.00 ? 22 DA  B "H2'"  1 
ATOM   689 H "H2''" . DA  B 2 10 ? -7.540  4.056   14.184  1.00 0.00 ? 22 DA  B "H2''" 1 
ATOM   690 H "H1'"  . DA  B 2 10 ? -7.552  4.244   11.790  1.00 0.00 ? 22 DA  B "H1'"  1 
ATOM   691 H H8     . DA  B 2 10 ? -3.999  2.937   12.664  1.00 0.00 ? 22 DA  B H8     1 
ATOM   692 H H61    . DA  B 2 10 ? -4.568  -1.448  10.433  1.00 0.00 ? 22 DA  B H61    1 
ATOM   693 H H62    . DA  B 2 10 ? -5.994  -2.255  9.817   1.00 0.00 ? 22 DA  B H62    1 
ATOM   694 H H2     . DA  B 2 10 ? -9.343  0.438   10.081  1.00 0.00 ? 22 DA  B H2     1 
ATOM   695 P P      . DG  B 2 11 ? -8.788  6.625   15.103  1.00 0.00 ? 23 DG  B P      1 
ATOM   696 O OP1    . DG  B 2 11 ? -9.696  7.790   14.993  1.00 0.00 ? 23 DG  B OP1    1 
ATOM   697 O OP2    . DG  B 2 11 ? -7.941  6.467   16.303  1.00 0.00 ? 23 DG  B OP2    1 
ATOM   698 O "O5'"  . DG  B 2 11 ? -9.669  5.293   14.940  1.00 0.00 ? 23 DG  B "O5'"  1 
ATOM   699 C "C5'"  . DG  B 2 11 ? -10.673 5.211   13.940  1.00 0.00 ? 23 DG  B "C5'"  1 
ATOM   700 C "C4'"  . DG  B 2 11 ? -11.315 3.818   13.876  1.00 0.00 ? 23 DG  B "C4'"  1 
ATOM   701 O "O4'"  . DG  B 2 11 ? -10.375 2.876   13.382  1.00 0.00 ? 23 DG  B "O4'"  1 
ATOM   702 C "C3'"  . DG  B 2 11 ? -11.853 3.294   15.223  1.00 0.00 ? 23 DG  B "C3'"  1 
ATOM   703 O "O3'"  . DG  B 2 11 ? -13.281 3.290   15.244  1.00 0.00 ? 23 DG  B "O3'"  1 
ATOM   704 C "C2'"  . DG  B 2 11 ? -11.266 1.876   15.275  1.00 0.00 ? 23 DG  B "C2'"  1 
ATOM   705 C "C1'"  . DG  B 2 11 ? -10.747 1.605   13.858  1.00 0.00 ? 23 DG  B "C1'"  1 
ATOM   706 N N9     . DG  B 2 11 ? -9.597  0.668   13.836  1.00 0.00 ? 23 DG  B N9     1 
ATOM   707 C C8     . DG  B 2 11 ? -8.346  0.844   14.377  1.00 0.00 ? 23 DG  B C8     1 
ATOM   708 N N7     . DG  B 2 11 ? -7.567  -0.203  14.290  1.00 0.00 ? 23 DG  B N7     1 
ATOM   709 C C5     . DG  B 2 11 ? -8.341  -1.129  13.574  1.00 0.00 ? 23 DG  B C5     1 
ATOM   710 C C6     . DG  B 2 11 ? -8.072  -2.479  13.144  1.00 0.00 ? 23 DG  B C6     1 
ATOM   711 O O6     . DG  B 2 11 ? -7.070  -3.175  13.302  1.00 0.00 ? 23 DG  B O6     1 
ATOM   712 N N1     . DG  B 2 11 ? -9.135  -3.079  12.508  1.00 0.00 ? 23 DG  B N1     1 
ATOM   713 C C2     . DG  B 2 11 ? -10.328 -2.479  12.308  1.00 0.00 ? 23 DG  B C2     1 
ATOM   714 N N2     . DG  B 2 11 ? -11.234 -3.180  11.685  1.00 0.00 ? 23 DG  B N2     1 
ATOM   715 N N3     . DG  B 2 11 ? -10.648 -1.254  12.719  1.00 0.00 ? 23 DG  B N3     1 
ATOM   716 C C4     . DG  B 2 11 ? -9.599  -0.614  13.326  1.00 0.00 ? 23 DG  B C4     1 
ATOM   717 H "H5'"  . DG  B 2 11 ? -10.231 5.436   12.969  1.00 0.00 ? 23 DG  B "H5'"  1 
ATOM   718 H "H5''" . DG  B 2 11 ? -11.446 5.951   14.153  1.00 0.00 ? 23 DG  B "H5''" 1 
ATOM   719 H "H4'"  . DG  B 2 11 ? -12.151 3.861   13.177  1.00 0.00 ? 23 DG  B "H4'"  1 
ATOM   720 H "H3'"  . DG  B 2 11 ? -11.461 3.899   16.046  1.00 0.00 ? 23 DG  B "H3'"  1 
ATOM   721 H "H2'"  . DG  B 2 11 ? -10.455 1.853   16.001  1.00 0.00 ? 23 DG  B "H2'"  1 
ATOM   722 H "H2''" . DG  B 2 11 ? -12.020 1.140   15.529  1.00 0.00 ? 23 DG  B "H2''" 1 
ATOM   723 H "H1'"  . DG  B 2 11 ? -11.553 1.204   13.239  1.00 0.00 ? 23 DG  B "H1'"  1 
ATOM   724 H H8     . DG  B 2 11 ? -8.052  1.775   14.844  1.00 0.00 ? 23 DG  B H8     1 
ATOM   725 H H1     . DG  B 2 11 ? -8.968  -3.984  12.099  1.00 0.00 ? 23 DG  B H1     1 
ATOM   726 H H21    . DG  B 2 11 ? -11.995 -2.645  11.313  1.00 0.00 ? 23 DG  B H21    1 
ATOM   727 H H22    . DG  B 2 11 ? -10.988 -4.083  11.286  1.00 0.00 ? 23 DG  B H22    1 
ATOM   728 P P      . DC  B 2 12 ? -14.127 3.040   16.597  1.00 0.00 ? 24 DC  B P      1 
ATOM   729 O OP1    . DC  B 2 12 ? -15.517 3.513   16.410  1.00 0.00 ? 24 DC  B OP1    1 
ATOM   730 O OP2    . DC  B 2 12 ? -13.354 3.469   17.777  1.00 0.00 ? 24 DC  B OP2    1 
ATOM   731 O "O5'"  . DC  B 2 12 ? -14.196 1.446   16.665  1.00 0.00 ? 24 DC  B "O5'"  1 
ATOM   732 C "C5'"  . DC  B 2 12 ? -15.031 0.720   15.789  1.00 0.00 ? 24 DC  B "C5'"  1 
ATOM   733 C "C4'"  . DC  B 2 12 ? -14.813 -0.785  15.979  1.00 0.00 ? 24 DC  B "C4'"  1 
ATOM   734 O "O4'"  . DC  B 2 12 ? -13.597 -1.201  15.393  1.00 0.00 ? 24 DC  B "O4'"  1 
ATOM   735 C "C3'"  . DC  B 2 12 ? -14.704 -1.223  17.447  1.00 0.00 ? 24 DC  B "C3'"  1 
ATOM   736 O "O3'"  . DC  B 2 12 ? -15.993 -1.398  18.060  1.00 0.00 ? 24 DC  B "O3'"  1 
ATOM   737 C "C2'"  . DC  B 2 12 ? -13.960 -2.549  17.326  1.00 0.00 ? 24 DC  B "C2'"  1 
ATOM   738 C "C1'"  . DC  B 2 12 ? -13.237 -2.441  15.970  1.00 0.00 ? 24 DC  B "C1'"  1 
ATOM   739 N N1     . DC  B 2 12 ? -11.761 -2.529  16.104  1.00 0.00 ? 24 DC  B N1     1 
ATOM   740 C C2     . DC  B 2 12 ? -11.149 -3.752  15.819  1.00 0.00 ? 24 DC  B C2     1 
ATOM   741 O O2     . DC  B 2 12 ? -11.813 -4.740  15.503  1.00 0.00 ? 24 DC  B O2     1 
ATOM   742 N N3     . DC  B 2 12 ? -9.813  -3.896  15.931  1.00 0.00 ? 24 DC  B N3     1 
ATOM   743 C C4     . DC  B 2 12 ? -9.093  -2.857  16.293  1.00 0.00 ? 24 DC  B C4     1 
ATOM   744 N N4     . DC  B 2 12 ? -7.810  -3.037  16.311  1.00 0.00 ? 24 DC  B N4     1 
ATOM   745 C C5     . DC  B 2 12 ? -9.659  -1.598  16.643  1.00 0.00 ? 24 DC  B C5     1 
ATOM   746 C C6     . DC  B 2 12 ? -11.005 -1.470  16.541  1.00 0.00 ? 24 DC  B C6     1 
ATOM   747 H "H5'"  . DC  B 2 12 ? -14.813 0.994   14.755  1.00 0.00 ? 24 DC  B "H5'"  1 
ATOM   748 H "H5''" . DC  B 2 12 ? -16.071 0.967   16.008  1.00 0.00 ? 24 DC  B "H5''" 1 
ATOM   749 H "H4'"  . DC  B 2 12 ? -15.629 -1.325  15.500  1.00 0.00 ? 24 DC  B "H4'"  1 
ATOM   750 H "H3'"  . DC  B 2 12 ? -14.089 -0.512  18.008  1.00 0.00 ? 24 DC  B "H3'"  1 
ATOM   751 H "HO3'" . DC  B 2 12 ? -16.367 -0.514  18.172  1.00 0.00 ? 24 DC  B "HO3'" 1 
ATOM   752 H "H2'"  . DC  B 2 12 ? -13.271 -2.683  18.161  1.00 0.00 ? 24 DC  B "H2'"  1 
ATOM   753 H "H2''" . DC  B 2 12 ? -14.662 -3.382  17.294  1.00 0.00 ? 24 DC  B "H2''" 1 
ATOM   754 H "H1'"  . DC  B 2 12 ? -13.586 -3.243  15.314  1.00 0.00 ? 24 DC  B "H1'"  1 
ATOM   755 H H41    . DC  B 2 12 ? -7.231  -2.222  16.214  1.00 0.00 ? 24 DC  B H41    1 
ATOM   756 H H42    . DC  B 2 12 ? -7.475  -3.928  15.949  1.00 0.00 ? 24 DC  B H42    1 
ATOM   757 H H5     . DC  B 2 12 ? -9.050  -0.763  16.951  1.00 0.00 ? 24 DC  B H5     1 
ATOM   758 H H6     . DC  B 2 12 ? -11.497 -0.533  16.780  1.00 0.00 ? 24 DC  B H6     1 
HETATM 759 C C1     . HND C 3 .  ? 2.701   0.248   -0.849  1.00 0.00 ? 25 HND A C1     1 
HETATM 760 C C2     . HND C 3 .  ? 4.193   -0.084  -0.882  1.00 0.00 ? 25 HND A C2     1 
HETATM 761 C C3     . HND C 3 .  ? 4.896   0.361   0.412   1.00 0.00 ? 25 HND A C3     1 
HETATM 762 C C4     . HND C 3 .  ? 6.440   0.469   0.241   1.00 0.00 ? 25 HND A C4     1 
HETATM 763 C C5     . HND C 3 .  ? 7.192   -0.816  -0.179  1.00 0.00 ? 25 HND A C5     1 
HETATM 764 C C6     . HND C 3 .  ? 7.308   -1.932  0.877   1.00 0.00 ? 25 HND A C6     1 
HETATM 765 C C7     . HND C 3 .  ? 8.156   -3.084  0.299   1.00 0.00 ? 25 HND A C7     1 
HETATM 766 C C8     . HND C 3 .  ? 8.450   -4.189  1.338   1.00 0.00 ? 25 HND A C8     1 
HETATM 767 C C9     . HND C 3 .  ? 9.582   -3.825  2.315   1.00 0.00 ? 25 HND A C9     1 
HETATM 768 O O10    . HND C 3 .  ? 7.032   1.014   1.442   1.00 0.00 ? 25 HND A O10    1 
HETATM 769 O O11    . HND C 3 .  ? 2.108   -0.521  0.182   1.00 0.00 ? 25 HND A O11    1 
HETATM 770 H H2     . HND C 3 .  ? 4.641   0.418   -1.732  1.00 0.00 ? 25 HND A H2     1 
HETATM 771 H H3     . HND C 3 .  ? 4.672   -0.352  1.208   1.00 0.00 ? 25 HND A H3     1 
HETATM 772 H H4     . HND C 3 .  ? 6.614   1.198   -0.555  1.00 0.00 ? 25 HND A H4     1 
HETATM 773 H H5     . HND C 3 .  ? 8.200   -0.518  -0.471  1.00 0.00 ? 25 HND A H5     1 
HETATM 774 H H5A    . HND C 3 .  ? 6.712   -1.229  -1.061  1.00 0.00 ? 25 HND A H5A    1 
HETATM 775 H HO10   . HND C 3 .  ? 7.954   1.223   1.274   1.00 0.00 ? 25 HND A HO10   1 
HETATM 776 H H6     . HND C 3 .  ? 6.322   -2.295  1.154   1.00 0.00 ? 25 HND A H6     1 
HETATM 777 H H6A    . HND C 3 .  ? 7.799   -1.543  1.766   1.00 0.00 ? 25 HND A H6A    1 
HETATM 778 H H7     . HND C 3 .  ? 9.107   -2.699  -0.071  1.00 0.00 ? 25 HND A H7     1 
HETATM 779 H H7A    . HND C 3 .  ? 7.625   -3.533  -0.544  1.00 0.00 ? 25 HND A H7A    1 
HETATM 780 H H8     . HND C 3 .  ? 8.783   -5.073  0.809   1.00 0.00 ? 25 HND A H8     1 
HETATM 781 H H8A    . HND C 3 .  ? 7.551   -4.456  1.889   1.00 0.00 ? 25 HND A H8A    1 
HETATM 782 H H9     . HND C 3 .  ? 10.477  -3.556  1.751   1.00 0.00 ? 25 HND A H9     1 
HETATM 783 H H9A    . HND C 3 .  ? 9.288   -2.985  2.933   1.00 0.00 ? 25 HND A H9A    1 
HETATM 784 H H9B    . HND C 3 .  ? 9.776   -4.687  2.961   1.00 0.00 ? 25 HND A H9B    1 
HETATM 785 H H1     . HND C 3 .  ? 2.266   -0.026  -1.809  1.00 0.00 ? 25 HND A H1     1 
HETATM 786 H HO11   . HND C 3 .  ? 1.331   -0.993  -0.164  1.00 0.00 ? 25 HND A HO11   1 
HETATM 787 H H2A    . HND C 3 .  ? 4.321   -1.157  -1.015  1.00 0.00 ? 25 HND A H2A    1 
# 
